data_9NPA
#
_entry.id   9NPA
#
_cell.length_a   191.500
_cell.length_b   191.500
_cell.length_c   191.500
_cell.angle_alpha   90.00
_cell.angle_beta   90.00
_cell.angle_gamma   90.00
#
_symmetry.space_group_name_H-M   'I 21 3'
#
loop_
_entity.id
_entity.type
_entity.pdbx_description
1 polymer 'Glycoside hydrolase family 2'
2 non-polymer 'PHOSPHATE ION'
3 non-polymer '2-AMINOETHANESULFONIC ACID'
4 water water
#
_entity_poly.entity_id   1
_entity_poly.type   'polypeptide(L)'
_entity_poly.pdbx_seq_one_letter_code
;MGSSHHHHHHSSGLVPRGSHMFVSEQSLNGRWTLKFFPQPAVPVMTIEGAEAANGIVVDAVVPGNVEIDMEAAGLVEDPM
VGNNIYKLRPYEGYQWYYSRTFAAPVVTEGQRLVLHFGGIDTFAEVYVNGIKVGSADNMLIEHDYDITSVVKEGENRLDV
IIRSSVMEAQNHFLGTLSIGNFSNEESAPVRRAPSTYGWDIMPRLVSAGLWRDVTLRVENPVTIVDANWVTLSVNPKARE
ASESLYLQTRLPFEMHDKVKAVITISRDGRQILRKEALMRKFANLFTLNLSGVDAWWPRGYGEPALYTAEVSLVDVTSGK
IYDTKTSKIGFRTVKLELDEVNLPGQPGQFQFIINGEPVFAKGTNWVPLDALHSRDASHVEEAVQLMVEMNCNIVRCWGG
NVYEDTHFFELCDKYGIMVWQDFAMGCGNYSQRDNFAAALEKEAISVVVKLRNHPSLILWSGNNEDDQSLVFGRLAPFKA
NPNNDRVSRQVLSRVIYEFDPTRPYLPSSPYYGPKVCEVGVRDEVLPENHLWGPRGYYKDPFYTENPSQFVSEIGYHGCP
NRETLERMFSPDSVNPWQNGVVGMWNDEWQTKANRIYDDKFQGGRNDLMTNQVRIIFGEVPADLDDFIFASQSVQAEAMK
FFVELWRGRRPYRTGIIWWNIRDGWPLLSDAISDYWGGKKQAFYYMQNVHHDVCCLINPAANGYMLKVDNNTLKDFEGVV
EVKDVASGKQVFKGKFVSKANQMSEIATLPMQKGQGMLVISYRIEGNEYFNHYLYGEPPYKLDQYRKWVKKCGIYELE
;
_entity_poly.pdbx_strand_id   A
#
# COMPACT_ATOMS: atom_id res chain seq x y z
N PHE A 22 15.18 12.66 17.39
CA PHE A 22 14.96 12.70 18.83
C PHE A 22 16.27 12.49 19.61
N VAL A 23 16.41 13.24 20.70
CA VAL A 23 17.63 13.19 21.50
C VAL A 23 17.89 11.78 22.01
N SER A 24 16.85 11.10 22.47
CA SER A 24 16.98 9.74 22.99
C SER A 24 15.76 8.95 22.54
N GLU A 25 16.00 7.78 21.95
CA GLU A 25 14.95 6.86 21.54
C GLU A 25 15.28 5.51 22.15
N GLN A 26 14.80 5.30 23.38
CA GLN A 26 14.98 4.04 24.08
C GLN A 26 13.80 3.13 23.77
N SER A 27 14.06 2.02 23.07
CA SER A 27 12.99 1.12 22.68
C SER A 27 12.43 0.35 23.86
N LEU A 28 11.12 0.14 23.86
CA LEU A 28 10.44 -0.72 24.82
C LEU A 28 9.94 -2.01 24.17
N ASN A 29 10.44 -2.33 22.98
CA ASN A 29 10.12 -3.62 22.37
C ASN A 29 10.80 -4.74 23.16
N GLY A 30 10.36 -5.97 22.88
CA GLY A 30 10.91 -7.14 23.54
C GLY A 30 9.85 -7.91 24.29
N ARG A 31 10.25 -8.50 25.41
CA ARG A 31 9.37 -9.36 26.17
C ARG A 31 8.50 -8.52 27.09
N TRP A 32 7.19 -8.69 26.98
CA TRP A 32 6.22 -8.13 27.91
C TRP A 32 5.52 -9.27 28.64
N THR A 33 4.58 -8.89 29.51
CA THR A 33 3.74 -9.84 30.22
C THR A 33 2.30 -9.63 29.77
N LEU A 34 1.69 -10.67 29.23
CA LEU A 34 0.34 -10.59 28.67
C LEU A 34 -0.59 -11.48 29.50
N LYS A 35 -1.62 -10.87 30.07
CA LYS A 35 -2.66 -11.59 30.80
C LYS A 35 -3.98 -11.39 30.07
N PHE A 36 -4.60 -12.49 29.65
CA PHE A 36 -5.85 -12.43 28.93
C PHE A 36 -6.94 -13.17 29.69
N PHE A 37 -8.18 -12.72 29.49
CA PHE A 37 -9.33 -13.25 30.19
C PHE A 37 -10.59 -12.79 29.46
N PRO A 38 -11.70 -13.53 29.60
CA PRO A 38 -12.94 -13.07 28.98
C PRO A 38 -13.39 -11.73 29.55
N GLN A 39 -13.87 -10.86 28.67
CA GLN A 39 -14.30 -9.54 29.10
C GLN A 39 -15.62 -9.64 29.86
N PRO A 40 -15.69 -9.10 31.07
CA PRO A 40 -16.96 -9.14 31.82
C PRO A 40 -18.01 -8.23 31.23
N ALA A 41 -19.20 -8.21 31.85
CA ALA A 41 -20.25 -7.30 31.40
C ALA A 41 -19.79 -5.85 31.46
N VAL A 42 -19.11 -5.49 32.55
CA VAL A 42 -18.47 -4.19 32.67
C VAL A 42 -16.99 -4.37 32.30
N PRO A 43 -16.52 -3.77 31.22
CA PRO A 43 -15.13 -4.00 30.81
C PRO A 43 -14.14 -3.51 31.85
N VAL A 44 -13.07 -4.27 32.01
CA VAL A 44 -12.00 -3.92 32.94
C VAL A 44 -11.18 -2.78 32.35
N MET A 45 -11.05 -1.69 33.10
CA MET A 45 -10.31 -0.53 32.64
C MET A 45 -9.28 -0.04 33.65
N THR A 46 -9.09 -0.75 34.75
CA THR A 46 -8.14 -0.36 35.79
C THR A 46 -7.13 -1.48 36.01
N ILE A 47 -5.98 -1.10 36.57
CA ILE A 47 -4.95 -2.09 36.90
C ILE A 47 -5.45 -3.04 37.98
N GLU A 48 -6.27 -2.52 38.90
CA GLU A 48 -6.75 -3.32 40.02
C GLU A 48 -7.70 -4.41 39.56
N GLY A 49 -8.64 -4.07 38.68
CA GLY A 49 -9.53 -5.09 38.13
C GLY A 49 -8.80 -6.05 37.20
N ALA A 50 -7.76 -5.56 36.52
CA ALA A 50 -7.01 -6.42 35.61
C ALA A 50 -6.26 -7.50 36.36
N GLU A 51 -5.59 -7.13 37.46
CA GLU A 51 -4.87 -8.11 38.26
C GLU A 51 -5.80 -8.98 39.11
N ALA A 52 -7.02 -8.53 39.34
CA ALA A 52 -7.98 -9.32 40.10
C ALA A 52 -8.78 -10.28 39.22
N ALA A 53 -8.86 -10.02 37.93
CA ALA A 53 -9.62 -10.88 37.03
C ALA A 53 -8.98 -12.26 36.95
N ASN A 54 -9.81 -13.26 36.72
CA ASN A 54 -9.35 -14.64 36.58
C ASN A 54 -8.95 -14.86 35.12
N GLY A 55 -7.65 -14.91 34.86
CA GLY A 55 -7.15 -15.12 33.51
C GLY A 55 -5.88 -15.93 33.44
N ILE A 56 -5.27 -15.99 32.26
CA ILE A 56 -4.05 -16.75 32.01
C ILE A 56 -2.94 -15.76 31.68
N VAL A 57 -1.78 -15.98 32.29
CA VAL A 57 -0.61 -15.11 32.11
C VAL A 57 0.42 -15.87 31.29
N VAL A 58 0.86 -15.26 30.19
CA VAL A 58 1.86 -15.83 29.30
C VAL A 58 2.85 -14.74 28.89
N ASP A 59 3.99 -15.18 28.37
CA ASP A 59 4.97 -14.26 27.81
C ASP A 59 4.49 -13.74 26.46
N ALA A 60 4.83 -12.49 26.17
CA ALA A 60 4.42 -11.84 24.94
C ALA A 60 5.61 -11.13 24.31
N VAL A 61 5.49 -10.85 23.01
CA VAL A 61 6.51 -10.15 22.26
C VAL A 61 5.90 -8.90 21.65
N VAL A 62 6.54 -7.76 21.87
CA VAL A 62 6.11 -6.48 21.32
C VAL A 62 7.19 -6.00 20.35
N PRO A 63 6.86 -5.65 19.11
CA PRO A 63 5.53 -5.69 18.47
C PRO A 63 5.01 -7.12 18.29
N GLY A 64 3.71 -7.33 18.28
CA GLY A 64 3.18 -8.66 18.10
C GLY A 64 1.66 -8.64 18.10
N ASN A 65 1.10 -9.81 17.80
CA ASN A 65 -0.33 -10.07 17.93
C ASN A 65 -0.56 -11.09 19.03
N VAL A 66 -1.68 -10.95 19.74
CA VAL A 66 -1.95 -11.81 20.89
C VAL A 66 -2.06 -13.27 20.48
N GLU A 67 -2.52 -13.54 19.25
CA GLU A 67 -2.58 -14.92 18.79
C GLU A 67 -1.19 -15.53 18.63
N ILE A 68 -0.21 -14.70 18.26
CA ILE A 68 1.16 -15.19 18.13
C ILE A 68 1.73 -15.55 19.49
N ASP A 69 1.42 -14.75 20.52
CA ASP A 69 1.91 -15.05 21.86
C ASP A 69 1.27 -16.32 22.42
N MET A 70 -0.03 -16.51 22.18
CA MET A 70 -0.71 -17.70 22.67
C MET A 70 -0.24 -18.95 21.94
N GLU A 71 0.08 -18.84 20.65
CA GLU A 71 0.60 -20.00 19.93
C GLU A 71 2.00 -20.36 20.41
N ALA A 72 2.79 -19.37 20.80
CA ALA A 72 4.11 -19.68 21.37
C ALA A 72 3.96 -20.43 22.69
N ALA A 73 2.91 -20.14 23.45
CA ALA A 73 2.60 -20.85 24.68
C ALA A 73 1.88 -22.17 24.45
N GLY A 74 1.60 -22.52 23.19
CA GLY A 74 0.90 -23.75 22.89
C GLY A 74 -0.57 -23.75 23.24
N LEU A 75 -1.15 -22.57 23.45
CA LEU A 75 -2.56 -22.47 23.82
C LEU A 75 -3.50 -22.45 22.62
N VAL A 76 -3.02 -22.07 21.44
CA VAL A 76 -3.82 -22.09 20.22
C VAL A 76 -3.03 -22.81 19.13
N GLU A 77 -3.75 -23.38 18.18
CA GLU A 77 -3.13 -24.04 17.03
C GLU A 77 -2.77 -22.99 15.98
N ASP A 78 -1.97 -23.40 15.00
CA ASP A 78 -1.52 -22.48 13.97
C ASP A 78 -2.70 -22.08 13.08
N PRO A 79 -3.11 -20.80 13.06
CA PRO A 79 -4.35 -20.45 12.34
C PRO A 79 -4.18 -20.38 10.83
N MET A 80 -3.02 -20.79 10.33
CA MET A 80 -2.75 -20.78 8.90
C MET A 80 -2.99 -22.14 8.23
N VAL A 81 -3.40 -23.15 8.99
CA VAL A 81 -3.58 -24.50 8.47
C VAL A 81 -5.04 -24.91 8.65
N GLY A 82 -5.66 -25.33 7.56
CA GLY A 82 -7.00 -25.88 7.62
C GLY A 82 -8.02 -24.90 8.15
N ASN A 83 -8.86 -25.39 9.05
CA ASN A 83 -9.93 -24.59 9.65
C ASN A 83 -9.56 -24.05 11.02
N ASN A 84 -8.26 -24.03 11.35
CA ASN A 84 -7.85 -23.57 12.68
C ASN A 84 -8.15 -22.10 12.91
N ILE A 85 -8.38 -21.32 11.85
CA ILE A 85 -8.63 -19.90 12.05
C ILE A 85 -9.96 -19.66 12.75
N TYR A 86 -10.94 -20.54 12.52
CA TYR A 86 -12.24 -20.39 13.17
C TYR A 86 -12.19 -20.70 14.66
N LYS A 87 -11.13 -21.34 15.14
CA LYS A 87 -11.00 -21.61 16.57
C LYS A 87 -10.56 -20.38 17.36
N LEU A 88 -10.21 -19.29 16.70
CA LEU A 88 -9.88 -18.04 17.38
C LEU A 88 -11.10 -17.19 17.69
N ARG A 89 -12.30 -17.71 17.40
CA ARG A 89 -13.53 -16.93 17.61
C ARG A 89 -13.72 -16.48 19.06
N PRO A 90 -13.59 -17.34 20.07
CA PRO A 90 -13.86 -16.88 21.45
C PRO A 90 -12.99 -15.71 21.88
N TYR A 91 -11.75 -15.61 21.36
CA TYR A 91 -10.86 -14.57 21.83
C TYR A 91 -11.25 -13.18 21.36
N GLU A 92 -12.24 -13.07 20.47
CA GLU A 92 -12.74 -11.75 20.08
C GLU A 92 -13.46 -11.04 21.22
N GLY A 93 -13.92 -11.78 22.23
CA GLY A 93 -14.54 -11.18 23.38
C GLY A 93 -13.63 -11.18 24.61
N TYR A 94 -12.33 -11.29 24.39
CA TYR A 94 -11.35 -11.31 25.47
C TYR A 94 -10.73 -9.93 25.68
N GLN A 95 -10.15 -9.74 26.86
CA GLN A 95 -9.34 -8.57 27.16
C GLN A 95 -7.88 -8.98 27.22
N TRP A 96 -6.99 -8.02 26.97
CA TRP A 96 -5.57 -8.28 26.86
C TRP A 96 -4.81 -7.25 27.69
N TYR A 97 -4.07 -7.72 28.68
CA TYR A 97 -3.40 -6.86 29.66
C TYR A 97 -1.89 -6.98 29.45
N TYR A 98 -1.34 -6.03 28.69
CA TYR A 98 0.11 -5.93 28.54
C TYR A 98 0.71 -5.23 29.75
N SER A 99 1.90 -5.67 30.15
CA SER A 99 2.56 -5.05 31.29
C SER A 99 4.04 -5.33 31.21
N ARG A 100 4.84 -4.31 31.50
CA ARG A 100 6.29 -4.48 31.57
C ARG A 100 6.86 -3.41 32.49
N THR A 101 8.13 -3.59 32.83
CA THR A 101 8.88 -2.61 33.61
C THR A 101 9.91 -1.95 32.71
N PHE A 102 10.13 -0.65 32.92
CA PHE A 102 11.09 0.08 32.12
C PHE A 102 11.90 1.02 33.01
N ALA A 103 13.15 1.22 32.62
CA ALA A 103 14.03 2.16 33.30
C ALA A 103 13.83 3.56 32.73
N ALA A 104 13.76 4.53 33.62
CA ALA A 104 13.52 5.90 33.20
C ALA A 104 14.78 6.50 32.59
N PRO A 105 14.73 7.00 31.36
CA PRO A 105 15.91 7.64 30.78
C PRO A 105 16.20 8.97 31.46
N VAL A 106 17.41 9.48 31.22
CA VAL A 106 17.86 10.72 31.84
C VAL A 106 17.06 11.89 31.27
N VAL A 107 16.36 12.61 32.14
CA VAL A 107 15.60 13.79 31.76
C VAL A 107 16.10 14.95 32.61
N THR A 108 16.68 15.94 31.97
CA THR A 108 17.12 17.16 32.65
C THR A 108 15.97 18.17 32.68
N GLU A 109 16.18 19.26 33.41
CA GLU A 109 15.13 20.25 33.58
C GLU A 109 14.74 20.86 32.23
N GLY A 110 13.44 20.95 31.98
CA GLY A 110 12.92 21.48 30.75
C GLY A 110 12.65 20.44 29.67
N GLN A 111 13.25 19.26 29.78
CA GLN A 111 13.03 18.24 28.77
C GLN A 111 11.69 17.56 28.98
N ARG A 112 11.24 16.85 27.94
CA ARG A 112 9.97 16.14 27.97
C ARG A 112 10.18 14.68 27.60
N LEU A 113 9.55 13.80 28.36
CA LEU A 113 9.60 12.36 28.13
C LEU A 113 8.28 11.93 27.51
N VAL A 114 8.35 11.33 26.32
CA VAL A 114 7.18 10.96 25.54
C VAL A 114 7.15 9.45 25.38
N LEU A 115 6.04 8.84 25.77
CA LEU A 115 5.81 7.42 25.56
C LEU A 115 5.12 7.25 24.20
N HIS A 116 5.81 6.61 23.26
CA HIS A 116 5.36 6.52 21.87
C HIS A 116 4.85 5.11 21.57
N PHE A 117 3.63 5.02 21.06
CA PHE A 117 3.05 3.80 20.55
C PHE A 117 2.88 3.93 19.04
N GLY A 118 3.50 3.02 18.29
CA GLY A 118 3.31 2.99 16.85
C GLY A 118 1.99 2.39 16.41
N GLY A 119 1.38 1.62 17.30
CA GLY A 119 0.12 0.94 16.97
C GLY A 119 -0.50 0.20 18.13
N ILE A 120 -1.66 0.66 18.60
CA ILE A 120 -2.39 -0.04 19.69
C ILE A 120 -3.71 -0.54 19.09
N ASP A 121 -3.89 -1.86 19.01
CA ASP A 121 -5.17 -2.45 18.52
C ASP A 121 -5.97 -2.93 19.73
N THR A 122 -7.07 -2.23 20.06
CA THR A 122 -7.35 -0.85 19.64
C THR A 122 -7.76 -0.03 20.84
N PHE A 123 -8.79 -0.47 21.55
CA PHE A 123 -9.34 0.32 22.68
C PHE A 123 -8.61 -0.04 23.94
N ALA A 124 -7.86 0.91 24.49
CA ALA A 124 -7.03 0.56 25.66
C ALA A 124 -6.82 1.70 26.63
N GLU A 125 -6.54 1.37 27.88
CA GLU A 125 -6.20 2.40 28.89
C GLU A 125 -4.70 2.24 29.21
N VAL A 126 -3.92 3.29 29.03
CA VAL A 126 -2.48 3.24 29.22
C VAL A 126 -2.13 3.84 30.57
N TYR A 127 -1.40 3.08 31.38
CA TYR A 127 -1.00 3.48 32.73
C TYR A 127 0.51 3.48 32.85
N VAL A 128 1.05 4.50 33.51
CA VAL A 128 2.46 4.59 33.84
C VAL A 128 2.55 4.82 35.34
N ASN A 129 3.09 3.84 36.07
CA ASN A 129 3.20 3.92 37.53
C ASN A 129 1.83 4.10 38.17
N GLY A 130 0.85 3.32 37.69
CA GLY A 130 -0.48 3.36 38.24
C GLY A 130 -1.27 4.63 37.95
N ILE A 131 -0.76 5.49 37.08
CA ILE A 131 -1.43 6.74 36.71
C ILE A 131 -1.80 6.66 35.23
N LYS A 132 -3.07 6.87 34.92
CA LYS A 132 -3.51 6.82 33.55
C LYS A 132 -2.92 7.98 32.76
N VAL A 133 -2.24 7.67 31.66
CA VAL A 133 -1.62 8.68 30.82
C VAL A 133 -2.33 8.87 29.48
N GLY A 134 -3.24 7.97 29.12
CA GLY A 134 -3.95 8.11 27.86
C GLY A 134 -4.98 7.01 27.69
N SER A 135 -5.88 7.25 26.74
CA SER A 135 -6.92 6.30 26.37
C SER A 135 -6.96 6.22 24.85
N ALA A 136 -6.63 5.06 24.29
CA ALA A 136 -6.49 4.90 22.86
C ALA A 136 -7.76 4.36 22.23
N ASP A 137 -8.01 4.78 20.98
CA ASP A 137 -9.25 4.41 20.31
C ASP A 137 -9.09 4.38 18.79
N ASN A 138 -7.89 4.12 18.28
CA ASN A 138 -7.64 4.05 16.85
C ASN A 138 -6.38 3.22 16.63
N MET A 139 -6.50 2.15 15.85
CA MET A 139 -5.37 1.27 15.63
C MET A 139 -4.50 1.70 14.44
N LEU A 140 -4.96 2.66 13.65
CA LEU A 140 -4.28 3.03 12.41
C LEU A 140 -3.30 4.18 12.59
N ILE A 141 -3.33 4.88 13.74
CA ILE A 141 -2.48 6.04 13.93
C ILE A 141 -1.62 5.83 15.17
N GLU A 142 -0.58 6.65 15.29
CA GLU A 142 0.32 6.62 16.43
C GLU A 142 -0.33 7.27 17.65
N HIS A 143 0.24 6.97 18.82
CA HIS A 143 -0.24 7.52 20.09
C HIS A 143 0.95 7.95 20.90
N ASP A 144 0.97 9.21 21.32
CA ASP A 144 2.07 9.77 22.11
C ASP A 144 1.50 10.40 23.37
N TYR A 145 2.12 10.08 24.51
CA TYR A 145 1.67 10.57 25.81
C TYR A 145 2.85 11.16 26.56
N ASP A 146 2.67 12.37 27.08
CA ASP A 146 3.71 13.04 27.86
C ASP A 146 3.71 12.45 29.26
N ILE A 147 4.73 11.67 29.58
CA ILE A 147 4.79 10.99 30.87
C ILE A 147 5.89 11.60 31.74
N THR A 148 6.23 12.87 31.47
CA THR A 148 7.29 13.53 32.22
C THR A 148 6.94 13.64 33.70
N SER A 149 5.70 14.03 34.01
CA SER A 149 5.31 14.27 35.39
C SER A 149 4.98 13.00 36.15
N VAL A 150 4.77 11.88 35.47
CA VAL A 150 4.40 10.64 36.15
C VAL A 150 5.57 9.67 36.27
N VAL A 151 6.64 9.85 35.50
CA VAL A 151 7.77 8.94 35.57
C VAL A 151 8.53 9.18 36.87
N LYS A 152 9.14 8.13 37.39
CA LYS A 152 9.89 8.18 38.63
C LYS A 152 11.31 7.67 38.41
N GLU A 153 12.17 7.95 39.39
CA GLU A 153 13.55 7.50 39.34
C GLU A 153 13.60 5.99 39.50
N GLY A 154 14.34 5.33 38.60
CA GLY A 154 14.55 3.89 38.73
C GLY A 154 13.58 3.06 37.93
N GLU A 155 13.08 1.98 38.54
CA GLU A 155 12.18 1.07 37.85
C GLU A 155 10.78 1.67 37.79
N ASN A 156 10.21 1.70 36.58
CA ASN A 156 8.86 2.18 36.35
C ASN A 156 8.00 1.04 35.83
N ARG A 157 6.70 1.32 35.70
CA ARG A 157 5.73 0.30 35.31
C ARG A 157 4.86 0.84 34.19
N LEU A 158 4.67 0.02 33.15
CA LEU A 158 3.84 0.36 32.02
C LEU A 158 2.78 -0.72 31.86
N ASP A 159 1.51 -0.32 31.92
CA ASP A 159 0.39 -1.24 31.87
C ASP A 159 -0.60 -0.77 30.81
N VAL A 160 -0.99 -1.68 29.92
CA VAL A 160 -1.94 -1.37 28.85
C VAL A 160 -3.06 -2.39 28.89
N ILE A 161 -4.27 -1.94 29.17
CA ILE A 161 -5.44 -2.82 29.31
C ILE A 161 -6.31 -2.63 28.07
N ILE A 162 -6.28 -3.59 27.16
CA ILE A 162 -7.08 -3.58 25.95
C ILE A 162 -8.39 -4.30 26.22
N ARG A 163 -9.47 -3.82 25.62
CA ARG A 163 -10.77 -4.46 25.73
C ARG A 163 -11.24 -4.90 24.34
N SER A 164 -12.38 -5.60 24.33
CA SER A 164 -12.88 -6.23 23.11
C SER A 164 -13.31 -5.16 22.09
N SER A 165 -12.68 -5.19 20.91
CA SER A 165 -13.08 -4.28 19.84
C SER A 165 -14.50 -4.55 19.37
N VAL A 166 -14.87 -5.84 19.29
CA VAL A 166 -16.21 -6.20 18.82
C VAL A 166 -17.28 -5.66 19.75
N MET A 167 -17.03 -5.73 21.06
CA MET A 167 -18.04 -5.31 22.02
C MET A 167 -18.18 -3.79 22.08
N GLU A 168 -17.12 -3.06 21.72
CA GLU A 168 -17.22 -1.60 21.71
C GLU A 168 -18.26 -1.09 20.73
N ALA A 169 -18.56 -1.87 19.68
CA ALA A 169 -19.53 -1.42 18.70
C ALA A 169 -20.93 -1.31 19.30
N GLN A 170 -21.22 -2.09 20.34
CA GLN A 170 -22.53 -2.02 20.97
C GLN A 170 -22.67 -0.80 21.87
N ASN A 171 -21.69 0.10 21.89
CA ASN A 171 -21.83 1.39 22.53
C ASN A 171 -22.29 2.47 21.56
N HIS A 172 -22.78 2.07 20.39
CA HIS A 172 -23.21 3.02 19.36
C HIS A 172 -24.47 2.51 18.69
N PHE A 173 -25.30 3.45 18.24
CA PHE A 173 -26.49 3.15 17.46
C PHE A 173 -26.21 3.45 16.00
N LEU A 174 -26.44 2.48 15.13
CA LEU A 174 -26.07 2.59 13.72
C LEU A 174 -27.19 3.18 12.89
N GLY A 175 -26.81 3.96 11.89
CA GLY A 175 -27.77 4.42 10.90
C GLY A 175 -28.16 3.29 9.96
N THR A 176 -29.24 3.53 9.21
CA THR A 176 -29.75 2.53 8.29
C THR A 176 -28.69 2.12 7.28
N LEU A 177 -27.99 3.09 6.69
CA LEU A 177 -27.01 2.81 5.65
C LEU A 177 -25.69 2.28 6.18
N SER A 178 -25.57 2.04 7.49
CA SER A 178 -24.40 1.40 8.05
C SER A 178 -24.60 -0.08 8.31
N ILE A 179 -25.81 -0.59 8.03
CA ILE A 179 -26.16 -1.99 8.26
C ILE A 179 -26.48 -2.63 6.92
N GLY A 180 -26.00 -3.84 6.72
CA GLY A 180 -26.26 -4.59 5.51
C GLY A 180 -25.19 -4.48 4.43
N ASN A 181 -24.33 -3.48 4.52
CA ASN A 181 -23.23 -3.38 3.56
C ASN A 181 -22.29 -4.57 3.73
N PHE A 182 -21.48 -4.80 2.69
CA PHE A 182 -20.54 -5.90 2.75
C PHE A 182 -19.49 -5.70 3.84
N SER A 183 -19.30 -4.47 4.31
CA SER A 183 -18.49 -4.24 5.49
C SER A 183 -19.24 -4.67 6.74
N ASN A 184 -18.51 -5.26 7.67
CA ASN A 184 -19.13 -5.76 8.90
C ASN A 184 -19.66 -4.59 9.72
N GLU A 185 -20.85 -4.79 10.30
CA GLU A 185 -21.46 -3.75 11.14
C GLU A 185 -20.57 -3.42 12.34
N GLU A 186 -19.78 -4.38 12.81
CA GLU A 186 -18.86 -4.11 13.91
C GLU A 186 -17.74 -3.16 13.52
N SER A 187 -17.46 -3.03 12.22
CA SER A 187 -16.42 -2.13 11.73
C SER A 187 -16.91 -0.70 11.53
N ALA A 188 -18.23 -0.49 11.47
CA ALA A 188 -18.75 0.84 11.15
C ALA A 188 -18.44 1.86 12.24
N PRO A 189 -18.73 1.63 13.53
CA PRO A 189 -18.51 2.67 14.54
C PRO A 189 -17.14 2.70 15.17
N VAL A 190 -16.17 1.95 14.67
CA VAL A 190 -14.83 1.90 15.25
C VAL A 190 -13.81 2.23 14.16
N ARG A 191 -12.66 2.74 14.60
CA ARG A 191 -11.56 3.09 13.70
C ARG A 191 -10.55 1.94 13.69
N ARG A 192 -10.87 0.94 12.87
CA ARG A 192 -10.01 -0.22 12.68
C ARG A 192 -10.03 -0.61 11.22
N ALA A 193 -9.04 -1.39 10.82
CA ALA A 193 -9.00 -1.91 9.45
C ALA A 193 -10.22 -2.77 9.20
N PRO A 194 -11.10 -2.40 8.26
CA PRO A 194 -12.29 -3.22 8.01
C PRO A 194 -11.97 -4.64 7.56
N SER A 195 -10.79 -4.88 7.00
CA SER A 195 -10.46 -6.22 6.55
C SER A 195 -10.37 -7.22 7.70
N THR A 196 -10.06 -6.74 8.90
CA THR A 196 -9.90 -7.65 10.04
C THR A 196 -11.20 -8.35 10.40
N TYR A 197 -12.32 -7.83 9.91
CA TYR A 197 -13.62 -8.42 10.31
C TYR A 197 -14.10 -9.39 9.25
N GLY A 198 -13.40 -9.44 8.12
CA GLY A 198 -13.76 -10.38 7.04
C GLY A 198 -14.05 -9.65 5.75
N TRP A 199 -13.55 -10.16 4.63
CA TRP A 199 -13.81 -9.57 3.31
C TRP A 199 -13.70 -10.66 2.25
N ASP A 200 -14.51 -10.61 1.20
CA ASP A 200 -14.52 -11.70 0.20
C ASP A 200 -14.24 -13.03 0.90
N ILE A 201 -13.08 -13.63 0.65
CA ILE A 201 -12.71 -14.92 1.31
C ILE A 201 -11.73 -14.59 2.44
N MET A 202 -11.13 -13.40 2.42
CA MET A 202 -10.26 -12.99 3.55
C MET A 202 -11.03 -13.33 4.82
N PRO A 203 -10.48 -14.14 5.73
CA PRO A 203 -11.26 -14.63 6.90
C PRO A 203 -11.25 -13.63 8.04
N ARG A 204 -12.20 -13.79 8.94
CA ARG A 204 -12.30 -12.92 10.11
C ARG A 204 -11.17 -13.21 11.08
N LEU A 205 -10.31 -12.22 11.33
CA LEU A 205 -9.26 -12.29 12.34
C LEU A 205 -9.14 -10.90 12.94
N VAL A 206 -9.96 -10.63 13.95
CA VAL A 206 -9.97 -9.31 14.59
C VAL A 206 -8.63 -9.05 15.28
N SER A 207 -8.20 -9.99 16.12
CA SER A 207 -6.91 -9.89 16.82
C SER A 207 -6.85 -8.66 17.70
N ALA A 208 -5.69 -8.44 18.35
CA ALA A 208 -5.46 -7.31 19.22
C ALA A 208 -3.97 -7.28 19.56
N GLY A 209 -3.55 -6.21 20.23
CA GLY A 209 -2.21 -6.13 20.77
C GLY A 209 -1.47 -4.90 20.29
N LEU A 210 -0.22 -4.79 20.74
CA LEU A 210 0.66 -3.70 20.36
C LEU A 210 1.42 -4.14 19.11
N TRP A 211 0.87 -3.80 17.95
CA TRP A 211 1.37 -4.36 16.71
C TRP A 211 2.48 -3.55 16.06
N ARG A 212 2.90 -2.44 16.68
CA ARG A 212 4.03 -1.67 16.19
C ARG A 212 4.89 -1.26 17.38
N ASP A 213 5.95 -0.51 17.09
CA ASP A 213 6.97 -0.22 18.10
C ASP A 213 6.41 0.58 19.25
N VAL A 214 6.94 0.31 20.45
CA VAL A 214 6.71 1.12 21.64
C VAL A 214 8.08 1.65 22.06
N THR A 215 8.21 2.97 22.12
CA THR A 215 9.51 3.59 22.43
C THR A 215 9.32 4.74 23.41
N LEU A 216 10.44 5.19 23.97
CA LEU A 216 10.51 6.36 24.83
C LEU A 216 11.38 7.41 24.17
N ARG A 217 10.87 8.62 24.08
CA ARG A 217 11.55 9.72 23.41
C ARG A 217 11.79 10.86 24.39
N VAL A 218 12.98 11.44 24.33
CA VAL A 218 13.34 12.59 25.15
C VAL A 218 13.52 13.78 24.22
N GLU A 219 12.78 14.85 24.49
CA GLU A 219 12.79 16.06 23.69
C GLU A 219 13.38 17.21 24.48
N ASN A 220 14.20 18.03 23.82
CA ASN A 220 14.70 19.24 24.45
C ASN A 220 13.60 20.30 24.47
N PRO A 221 13.75 21.33 25.31
CA PRO A 221 12.81 22.47 25.24
C PRO A 221 12.79 23.10 23.86
N VAL A 222 13.91 23.15 23.17
CA VAL A 222 13.99 23.55 21.77
C VAL A 222 13.94 22.28 20.94
N THR A 223 12.86 22.08 20.19
CA THR A 223 12.70 20.86 19.40
C THR A 223 11.92 21.18 18.14
N ILE A 224 12.04 20.29 17.16
CA ILE A 224 11.33 20.43 15.89
C ILE A 224 10.00 19.69 15.99
N VAL A 225 8.90 20.42 15.82
CA VAL A 225 7.55 19.79 15.89
C VAL A 225 7.26 19.16 14.53
N ASP A 226 7.45 19.92 13.45
CA ASP A 226 7.23 19.37 12.08
C ASP A 226 8.13 20.04 11.05
N ALA A 227 8.57 19.27 10.05
CA ALA A 227 9.35 19.83 8.93
C ALA A 227 8.65 19.41 7.64
N ASN A 228 7.81 20.28 7.09
CA ASN A 228 7.03 19.95 5.87
C ASN A 228 7.84 20.39 4.65
N TRP A 229 8.18 19.44 3.79
CA TRP A 229 8.91 19.78 2.54
C TRP A 229 7.91 19.79 1.39
N VAL A 230 7.85 20.90 0.66
CA VAL A 230 6.90 21.03 -0.49
C VAL A 230 7.68 21.42 -1.75
N THR A 231 7.53 20.68 -2.83
CA THR A 231 8.18 21.06 -4.11
C THR A 231 7.30 22.04 -4.81
N LEU A 232 7.64 23.33 -4.72
CA LEU A 232 6.86 24.39 -5.37
C LEU A 232 6.88 24.24 -6.88
N SER A 233 8.06 24.05 -7.47
CA SER A 233 8.18 23.88 -8.91
C SER A 233 9.40 23.02 -9.19
N VAL A 234 9.50 22.57 -10.45
CA VAL A 234 10.63 21.76 -10.88
C VAL A 234 10.81 21.95 -12.38
N ASN A 235 12.06 22.12 -12.80
CA ASN A 235 12.45 22.21 -14.20
C ASN A 235 13.43 21.08 -14.48
N PRO A 236 12.94 19.93 -14.93
CA PRO A 236 13.85 18.77 -15.11
C PRO A 236 14.99 19.03 -16.07
N LYS A 237 14.75 19.76 -17.16
CA LYS A 237 15.81 19.99 -18.13
C LYS A 237 16.91 20.89 -17.57
N ALA A 238 16.52 22.01 -16.96
CA ALA A 238 17.49 22.92 -16.35
C ALA A 238 18.07 22.39 -15.05
N ARG A 239 17.62 21.22 -14.59
CA ARG A 239 18.08 20.64 -13.33
C ARG A 239 17.89 21.60 -12.17
N GLU A 240 16.70 22.21 -12.11
CA GLU A 240 16.37 23.19 -11.08
C GLU A 240 15.08 22.78 -10.40
N ALA A 241 14.88 23.31 -9.19
CA ALA A 241 13.68 23.03 -8.41
C ALA A 241 13.56 24.07 -7.31
N SER A 242 12.32 24.47 -7.02
CA SER A 242 12.01 25.37 -5.92
C SER A 242 11.35 24.56 -4.81
N GLU A 243 12.02 24.46 -3.67
CA GLU A 243 11.57 23.63 -2.56
C GLU A 243 11.31 24.50 -1.35
N SER A 244 10.14 24.34 -0.74
CA SER A 244 9.76 25.09 0.45
C SER A 244 9.83 24.19 1.68
N LEU A 245 10.18 24.78 2.82
CA LEU A 245 10.24 24.09 4.09
C LEU A 245 9.36 24.84 5.09
N TYR A 246 8.28 24.19 5.52
CA TYR A 246 7.38 24.73 6.53
C TYR A 246 7.82 24.13 7.87
N LEU A 247 8.66 24.87 8.59
CA LEU A 247 9.25 24.41 9.82
C LEU A 247 8.47 24.97 11.01
N GLN A 248 7.96 24.09 11.86
CA GLN A 248 7.32 24.47 13.11
C GLN A 248 8.13 23.87 14.25
N THR A 249 8.49 24.71 15.22
CA THR A 249 9.34 24.30 16.33
C THR A 249 8.74 24.76 17.65
N ARG A 250 9.17 24.11 18.72
CA ARG A 250 8.95 24.58 20.07
C ARG A 250 10.17 25.39 20.50
N LEU A 251 9.95 26.64 20.88
CA LEU A 251 11.07 27.54 21.11
C LEU A 251 10.79 28.43 22.31
N PRO A 252 11.41 28.18 23.46
CA PRO A 252 11.26 29.11 24.59
C PRO A 252 11.68 30.51 24.17
N PHE A 253 11.01 31.51 24.75
CA PHE A 253 11.30 32.87 24.30
C PHE A 253 12.72 33.29 24.63
N GLU A 254 13.31 32.76 25.70
CA GLU A 254 14.70 33.08 25.98
C GLU A 254 15.63 32.54 24.91
N MET A 255 15.16 31.58 24.11
CA MET A 255 15.91 31.03 22.99
C MET A 255 15.63 31.73 21.67
N HIS A 256 14.61 32.59 21.62
CA HIS A 256 14.39 33.40 20.43
C HIS A 256 15.61 34.27 20.16
N ASP A 257 15.98 34.36 18.88
CA ASP A 257 17.15 35.08 18.40
C ASP A 257 18.47 34.47 18.87
N LYS A 258 18.42 33.32 19.54
CA LYS A 258 19.62 32.65 20.03
C LYS A 258 19.78 31.23 19.50
N VAL A 259 18.86 30.78 18.65
CA VAL A 259 18.93 29.48 18.00
C VAL A 259 18.86 29.70 16.49
N LYS A 260 19.63 28.92 15.74
CA LYS A 260 19.63 28.99 14.29
C LYS A 260 19.20 27.65 13.71
N ALA A 261 18.55 27.71 12.55
CA ALA A 261 18.18 26.51 11.81
C ALA A 261 19.21 26.26 10.73
N VAL A 262 19.70 25.03 10.65
CA VAL A 262 20.72 24.64 9.68
C VAL A 262 20.09 23.66 8.71
N ILE A 263 19.84 24.11 7.49
CA ILE A 263 19.22 23.30 6.45
C ILE A 263 20.31 22.78 5.53
N THR A 264 20.25 21.49 5.20
CA THR A 264 21.26 20.84 4.38
C THR A 264 20.59 19.90 3.40
N ILE A 265 20.83 20.13 2.11
CA ILE A 265 20.37 19.25 1.04
C ILE A 265 21.60 18.56 0.46
N SER A 266 21.57 17.24 0.39
CA SER A 266 22.72 16.49 -0.10
C SER A 266 22.24 15.25 -0.85
N ARG A 267 23.17 14.64 -1.59
CA ARG A 267 22.85 13.43 -2.35
C ARG A 267 24.15 12.63 -2.54
N ASP A 268 24.16 11.40 -2.01
CA ASP A 268 25.34 10.54 -2.08
C ASP A 268 26.56 11.21 -1.45
N GLY A 269 26.36 11.84 -0.29
CA GLY A 269 27.46 12.43 0.44
C GLY A 269 27.83 13.83 0.00
N ARG A 270 27.59 14.14 -1.27
CA ARG A 270 27.89 15.47 -1.80
C ARG A 270 26.85 16.47 -1.32
N GLN A 271 27.32 17.58 -0.77
CA GLN A 271 26.43 18.63 -0.28
C GLN A 271 26.02 19.53 -1.44
N ILE A 272 24.71 19.67 -1.63
CA ILE A 272 24.17 20.51 -2.70
C ILE A 272 23.88 21.91 -2.20
N LEU A 273 23.25 22.04 -1.02
CA LEU A 273 22.88 23.33 -0.48
C LEU A 273 23.00 23.31 1.03
N ARG A 274 23.43 24.43 1.61
CA ARG A 274 23.45 24.61 3.05
C ARG A 274 23.02 26.04 3.35
N LYS A 275 21.92 26.18 4.10
CA LYS A 275 21.37 27.48 4.45
C LYS A 275 21.20 27.57 5.95
N GLU A 276 21.64 28.67 6.54
CA GLU A 276 21.46 28.93 7.96
C GLU A 276 20.58 30.17 8.14
N ALA A 277 19.72 30.14 9.14
CA ALA A 277 18.80 31.23 9.39
C ALA A 277 18.52 31.32 10.89
N LEU A 278 18.62 32.52 11.44
CA LEU A 278 18.34 32.73 12.86
C LEU A 278 16.86 32.54 13.14
N MET A 279 16.54 31.74 14.14
CA MET A 279 15.16 31.47 14.53
C MET A 279 14.66 32.65 15.36
N ARG A 280 13.86 33.51 14.74
CA ARG A 280 13.24 34.62 15.44
C ARG A 280 11.79 34.33 15.81
N LYS A 281 11.19 33.26 15.30
CA LYS A 281 9.84 32.88 15.66
C LYS A 281 9.73 31.36 15.57
N PHE A 282 8.64 30.82 16.09
CA PHE A 282 8.54 29.36 16.22
C PHE A 282 8.25 28.70 14.87
N ALA A 283 7.58 29.40 13.96
CA ALA A 283 7.18 28.83 12.67
C ALA A 283 7.72 29.72 11.56
N ASN A 284 8.32 29.08 10.54
CA ASN A 284 8.95 29.81 9.45
C ASN A 284 8.74 29.07 8.15
N LEU A 285 8.84 29.80 7.04
CA LEU A 285 8.82 29.23 5.71
C LEU A 285 10.11 29.59 5.00
N PHE A 286 10.87 28.57 4.61
CA PHE A 286 12.13 28.75 3.89
C PHE A 286 11.94 28.26 2.45
N THR A 287 12.22 29.11 1.49
CA THR A 287 12.14 28.76 0.08
C THR A 287 13.55 28.64 -0.48
N LEU A 288 13.88 27.46 -0.99
CA LEU A 288 15.21 27.15 -1.52
C LEU A 288 15.11 26.98 -3.03
N ASN A 289 15.76 27.88 -3.77
CA ASN A 289 15.87 27.75 -5.21
C ASN A 289 17.17 27.00 -5.51
N LEU A 290 17.04 25.78 -6.01
CA LEU A 290 18.17 24.88 -6.18
C LEU A 290 18.58 24.78 -7.65
N SER A 291 19.87 24.56 -7.86
CA SER A 291 20.43 24.32 -9.18
C SER A 291 21.24 23.03 -9.15
N GLY A 292 21.30 22.36 -10.30
CA GLY A 292 21.98 21.09 -10.39
C GLY A 292 21.32 19.96 -9.61
N VAL A 293 19.99 19.93 -9.59
CA VAL A 293 19.24 18.88 -8.90
C VAL A 293 18.31 18.22 -9.89
N ASP A 294 18.15 16.90 -9.75
CA ASP A 294 17.32 16.12 -10.64
C ASP A 294 15.92 15.96 -10.08
N ALA A 295 14.94 15.85 -10.98
CA ALA A 295 13.57 15.63 -10.57
C ALA A 295 13.35 14.15 -10.24
N TRP A 296 12.34 13.90 -9.41
CA TRP A 296 11.93 12.54 -9.07
C TRP A 296 10.91 12.05 -10.07
N TRP A 297 11.15 10.87 -10.65
CA TRP A 297 10.26 10.32 -11.65
C TRP A 297 9.81 8.92 -11.26
N PRO A 298 8.60 8.53 -11.60
CA PRO A 298 8.18 7.13 -11.42
C PRO A 298 8.94 6.23 -12.38
N ARG A 299 8.74 4.92 -12.22
CA ARG A 299 9.48 3.95 -13.00
C ARG A 299 9.16 4.10 -14.49
N GLY A 300 10.21 4.10 -15.31
CA GLY A 300 10.09 4.22 -16.75
C GLY A 300 10.27 5.64 -17.26
N TYR A 301 9.68 6.62 -16.57
CA TYR A 301 9.73 8.00 -17.00
C TYR A 301 10.99 8.73 -16.56
N GLY A 302 11.90 8.06 -15.87
CA GLY A 302 13.14 8.69 -15.44
C GLY A 302 13.63 8.07 -14.15
N GLU A 303 14.57 8.77 -13.52
CA GLU A 303 15.24 8.30 -12.31
C GLU A 303 14.46 8.72 -11.07
N PRO A 304 14.38 7.87 -10.05
CA PRO A 304 13.75 8.26 -8.77
C PRO A 304 14.72 9.03 -7.88
N ALA A 305 15.17 10.18 -8.35
CA ALA A 305 16.19 10.95 -7.65
C ALA A 305 15.68 11.38 -6.29
N LEU A 306 16.45 11.05 -5.25
CA LEU A 306 16.14 11.41 -3.88
C LEU A 306 17.29 12.20 -3.27
N TYR A 307 16.95 13.20 -2.47
CA TYR A 307 17.94 14.05 -1.81
C TYR A 307 17.70 14.03 -0.32
N THR A 308 18.78 13.91 0.45
CA THR A 308 18.69 13.92 1.91
C THR A 308 18.49 15.36 2.39
N ALA A 309 17.32 15.63 2.96
CA ALA A 309 16.96 16.94 3.49
C ALA A 309 16.99 16.90 5.01
N GLU A 310 17.88 17.68 5.60
CA GLU A 310 18.08 17.70 7.04
C GLU A 310 17.99 19.12 7.57
N VAL A 311 17.29 19.29 8.68
CA VAL A 311 17.19 20.58 9.37
C VAL A 311 17.57 20.35 10.83
N SER A 312 18.31 21.29 11.40
CA SER A 312 18.75 21.18 12.78
C SER A 312 18.60 22.52 13.48
N LEU A 313 18.29 22.47 14.76
CA LEU A 313 18.21 23.65 15.61
C LEU A 313 19.47 23.69 16.46
N VAL A 314 20.33 24.67 16.20
CA VAL A 314 21.65 24.75 16.83
C VAL A 314 21.75 26.04 17.60
N ASP A 315 22.31 25.95 18.81
CA ASP A 315 22.55 27.14 19.62
C ASP A 315 23.65 27.97 18.96
N VAL A 316 23.38 29.26 18.78
CA VAL A 316 24.31 30.12 18.05
C VAL A 316 25.62 30.29 18.81
N THR A 317 25.57 30.28 20.14
CA THR A 317 26.76 30.49 20.95
C THR A 317 27.52 29.19 21.22
N SER A 318 26.85 28.20 21.81
CA SER A 318 27.50 26.97 22.22
C SER A 318 27.57 25.91 21.13
N GLY A 319 26.82 26.07 20.05
CA GLY A 319 26.79 25.03 19.04
C GLY A 319 26.03 23.79 19.42
N LYS A 320 25.31 23.80 20.55
CA LYS A 320 24.55 22.64 20.97
C LYS A 320 23.42 22.36 19.98
N ILE A 321 23.31 21.11 19.56
CA ILE A 321 22.26 20.69 18.64
C ILE A 321 21.07 20.23 19.47
N TYR A 322 19.97 20.99 19.39
CA TYR A 322 18.78 20.68 20.19
C TYR A 322 17.92 19.62 19.54
N ASP A 323 17.81 19.62 18.22
CA ASP A 323 17.02 18.62 17.52
C ASP A 323 17.47 18.57 16.06
N THR A 324 17.24 17.43 15.43
CA THR A 324 17.58 17.24 14.03
C THR A 324 16.57 16.28 13.41
N LYS A 325 15.99 16.69 12.29
CA LYS A 325 15.05 15.87 11.53
C LYS A 325 15.60 15.65 10.14
N THR A 326 15.73 14.38 9.74
CA THR A 326 16.30 14.00 8.45
C THR A 326 15.31 13.12 7.70
N SER A 327 15.17 13.37 6.40
CA SER A 327 14.33 12.54 5.55
C SER A 327 14.80 12.69 4.10
N LYS A 328 14.48 11.68 3.30
CA LYS A 328 14.79 11.69 1.87
C LYS A 328 13.57 12.19 1.11
N ILE A 329 13.76 13.27 0.34
CA ILE A 329 12.67 13.90 -0.39
C ILE A 329 12.99 13.81 -1.89
N GLY A 330 11.98 14.10 -2.70
CA GLY A 330 12.15 14.13 -4.13
C GLY A 330 11.46 15.31 -4.76
N PHE A 331 12.17 16.03 -5.63
CA PHE A 331 11.59 17.21 -6.29
C PHE A 331 10.63 16.75 -7.37
N ARG A 332 9.33 16.95 -7.13
CA ARG A 332 8.30 16.41 -8.00
C ARG A 332 7.02 17.23 -7.84
N THR A 333 6.29 17.40 -8.95
CA THR A 333 4.99 18.08 -8.90
C THR A 333 3.94 17.09 -9.38
N VAL A 334 2.75 17.11 -8.79
CA VAL A 334 1.68 16.15 -9.17
C VAL A 334 0.39 16.92 -9.48
N LYS A 335 -0.30 16.54 -10.56
CA LYS A 335 -1.60 17.16 -10.87
C LYS A 335 -2.52 16.08 -11.46
N LEU A 336 -3.79 16.08 -11.09
CA LEU A 336 -4.75 15.10 -11.65
C LEU A 336 -5.58 15.83 -12.71
N GLU A 337 -5.38 15.50 -13.98
CA GLU A 337 -6.12 16.15 -15.08
C GLU A 337 -7.45 15.42 -15.26
N LEU A 338 -8.56 16.09 -14.94
CA LEU A 338 -9.89 15.46 -15.05
C LEU A 338 -10.43 15.68 -16.46
N ASP A 339 -10.97 14.63 -17.09
CA ASP A 339 -11.58 14.79 -18.44
C ASP A 339 -13.05 15.15 -18.28
N GLU A 340 -13.43 16.34 -18.73
CA GLU A 340 -14.83 16.73 -18.66
C GLU A 340 -15.50 16.76 -20.03
N VAL A 341 -14.81 16.30 -21.08
CA VAL A 341 -15.40 16.23 -22.41
C VAL A 341 -16.07 14.89 -22.64
N ASN A 342 -15.34 13.80 -22.41
CA ASN A 342 -15.86 12.45 -22.55
C ASN A 342 -16.14 11.90 -21.16
N LEU A 343 -17.41 11.66 -20.85
CA LEU A 343 -17.86 11.20 -19.53
C LEU A 343 -17.40 12.15 -18.44
N PRO A 344 -18.03 13.33 -18.31
CA PRO A 344 -17.60 14.29 -17.28
C PRO A 344 -18.01 13.84 -15.89
N GLY A 345 -17.04 13.69 -15.00
CA GLY A 345 -17.30 13.31 -13.63
C GLY A 345 -17.41 11.83 -13.36
N GLN A 346 -17.13 10.98 -14.36
CA GLN A 346 -17.26 9.54 -14.15
C GLN A 346 -15.98 8.96 -13.58
N PRO A 347 -16.06 7.85 -12.85
CA PRO A 347 -14.85 7.26 -12.27
C PRO A 347 -13.87 6.79 -13.34
N GLY A 348 -12.61 7.15 -13.15
CA GLY A 348 -11.56 6.76 -14.07
C GLY A 348 -11.24 7.76 -15.16
N GLN A 349 -12.01 8.84 -15.28
CA GLN A 349 -11.80 9.84 -16.33
C GLN A 349 -10.80 10.90 -15.86
N PHE A 350 -9.58 10.45 -15.57
CA PHE A 350 -8.52 11.34 -15.11
C PHE A 350 -7.18 10.76 -15.54
N GLN A 351 -6.13 11.56 -15.38
CA GLN A 351 -4.78 11.12 -15.68
C GLN A 351 -3.78 11.90 -14.83
N PHE A 352 -2.78 11.21 -14.30
CA PHE A 352 -1.78 11.84 -13.46
C PHE A 352 -0.79 12.63 -14.32
N ILE A 353 -0.49 13.85 -13.89
CA ILE A 353 0.48 14.71 -14.55
C ILE A 353 1.64 14.88 -13.59
N ILE A 354 2.75 14.21 -13.87
CA ILE A 354 3.95 14.25 -13.03
C ILE A 354 4.98 15.12 -13.74
N ASN A 355 5.42 16.18 -13.07
CA ASN A 355 6.42 17.11 -13.62
C ASN A 355 5.97 17.64 -14.99
N GLY A 356 4.68 17.92 -15.11
CA GLY A 356 4.12 18.43 -16.35
C GLY A 356 3.96 17.41 -17.45
N GLU A 357 4.22 16.12 -17.17
CA GLU A 357 4.13 15.09 -18.18
C GLU A 357 2.98 14.15 -17.88
N PRO A 358 2.12 13.86 -18.86
CA PRO A 358 1.06 12.87 -18.65
C PRO A 358 1.66 11.47 -18.59
N VAL A 359 1.50 10.81 -17.45
CA VAL A 359 2.07 9.49 -17.23
C VAL A 359 0.97 8.44 -17.36
N PHE A 360 1.36 7.25 -17.80
CA PHE A 360 0.47 6.11 -17.87
C PHE A 360 0.74 5.22 -16.67
N ALA A 361 -0.28 5.00 -15.85
CA ALA A 361 -0.13 4.27 -14.60
C ALA A 361 -0.36 2.78 -14.84
N LYS A 362 0.52 1.96 -14.27
CA LYS A 362 0.39 0.51 -14.32
C LYS A 362 0.89 -0.04 -12.99
N GLY A 363 0.03 -0.77 -12.28
CA GLY A 363 0.41 -1.25 -10.97
C GLY A 363 -0.68 -2.10 -10.36
N THR A 364 -0.52 -2.34 -9.06
CA THR A 364 -1.34 -3.29 -8.32
C THR A 364 -2.04 -2.61 -7.14
N ASN A 365 -3.09 -3.25 -6.67
CA ASN A 365 -3.75 -2.84 -5.43
C ASN A 365 -3.05 -3.49 -4.25
N TRP A 366 -2.88 -2.72 -3.18
CA TRP A 366 -2.14 -3.15 -2.00
C TRP A 366 -3.14 -3.62 -0.95
N VAL A 367 -3.14 -4.91 -0.67
CA VAL A 367 -4.02 -5.51 0.31
C VAL A 367 -3.21 -5.70 1.59
N PRO A 368 -3.82 -6.13 2.70
CA PRO A 368 -3.03 -6.46 3.89
C PRO A 368 -1.90 -7.43 3.57
N LEU A 369 -0.72 -7.16 4.15
CA LEU A 369 0.41 -8.07 3.99
C LEU A 369 0.31 -9.28 4.90
N ASP A 370 -0.51 -9.21 5.95
CA ASP A 370 -0.67 -10.29 6.91
C ASP A 370 -1.89 -10.00 7.78
N ALA A 371 -2.71 -11.02 8.01
CA ALA A 371 -3.86 -10.85 8.90
C ALA A 371 -3.41 -10.47 10.30
N LEU A 372 -2.25 -10.97 10.73
CA LEU A 372 -1.62 -10.53 11.97
C LEU A 372 -0.65 -9.41 11.58
N HIS A 373 -1.13 -8.18 11.70
CA HIS A 373 -0.45 -7.03 11.08
C HIS A 373 0.88 -6.69 11.74
N SER A 374 1.23 -7.28 12.89
CA SER A 374 2.57 -7.05 13.41
C SER A 374 3.63 -7.71 12.56
N ARG A 375 3.24 -8.63 11.67
CA ARG A 375 4.16 -9.25 10.73
C ARG A 375 4.22 -8.53 9.38
N ASP A 376 3.56 -7.37 9.27
CA ASP A 376 3.59 -6.64 8.00
C ASP A 376 4.98 -6.16 7.67
N ALA A 377 5.70 -5.64 8.66
CA ALA A 377 7.03 -5.07 8.41
C ALA A 377 8.00 -6.13 7.88
N SER A 378 7.81 -7.39 8.27
CA SER A 378 8.70 -8.44 7.79
C SER A 378 8.42 -8.82 6.34
N HIS A 379 7.25 -8.46 5.82
CA HIS A 379 6.90 -8.74 4.42
C HIS A 379 7.09 -7.54 3.51
N VAL A 380 7.32 -6.35 4.06
CA VAL A 380 7.36 -5.14 3.24
C VAL A 380 8.45 -5.22 2.20
N GLU A 381 9.65 -5.67 2.60
CA GLU A 381 10.78 -5.70 1.67
C GLU A 381 10.47 -6.57 0.45
N GLU A 382 10.07 -7.81 0.68
CA GLU A 382 9.81 -8.71 -0.45
C GLU A 382 8.61 -8.26 -1.26
N ALA A 383 7.57 -7.75 -0.60
CA ALA A 383 6.37 -7.36 -1.32
C ALA A 383 6.63 -6.20 -2.27
N VAL A 384 7.37 -5.18 -1.80
CA VAL A 384 7.74 -4.07 -2.68
C VAL A 384 8.62 -4.56 -3.82
N GLN A 385 9.48 -5.55 -3.56
CA GLN A 385 10.33 -6.10 -4.62
C GLN A 385 9.51 -6.80 -5.69
N LEU A 386 8.36 -7.37 -5.32
CA LEU A 386 7.48 -7.95 -6.32
C LEU A 386 6.99 -6.89 -7.30
N MET A 387 6.78 -5.66 -6.83
CA MET A 387 6.40 -4.59 -7.73
C MET A 387 7.58 -4.11 -8.57
N VAL A 388 8.81 -4.28 -8.06
CA VAL A 388 9.99 -3.86 -8.81
C VAL A 388 10.24 -4.81 -9.98
N GLU A 389 10.20 -6.12 -9.72
CA GLU A 389 10.36 -7.08 -10.81
C GLU A 389 9.21 -6.96 -11.81
N MET A 390 8.01 -6.70 -11.32
CA MET A 390 6.87 -6.48 -12.20
C MET A 390 7.01 -5.18 -12.97
N ASN A 391 7.77 -4.22 -12.45
CA ASN A 391 7.91 -2.87 -13.00
C ASN A 391 6.58 -2.10 -12.90
N CYS A 392 6.02 -2.07 -11.69
CA CYS A 392 4.87 -1.22 -11.40
C CYS A 392 5.36 0.20 -11.14
N ASN A 393 4.70 1.18 -11.74
CA ASN A 393 5.00 2.57 -11.44
C ASN A 393 3.95 3.21 -10.53
N ILE A 394 2.99 2.43 -10.04
CA ILE A 394 1.96 2.95 -9.15
C ILE A 394 1.43 1.79 -8.32
N VAL A 395 0.86 2.11 -7.15
CA VAL A 395 0.29 1.11 -6.26
C VAL A 395 -0.79 1.80 -5.43
N ARG A 396 -1.98 1.20 -5.38
CA ARG A 396 -3.11 1.78 -4.67
C ARG A 396 -3.33 1.02 -3.37
N CYS A 397 -3.05 1.67 -2.25
CA CYS A 397 -3.23 1.04 -0.95
C CYS A 397 -4.72 0.99 -0.59
N TRP A 398 -5.25 -0.23 -0.51
CA TRP A 398 -6.67 -0.46 -0.30
C TRP A 398 -7.15 0.14 1.02
N GLY A 399 -8.33 0.76 0.98
CA GLY A 399 -8.89 1.37 2.17
C GLY A 399 -9.31 0.39 3.25
N GLY A 400 -9.52 -0.87 2.89
CA GLY A 400 -9.82 -1.88 3.89
C GLY A 400 -8.62 -2.30 4.71
N ASN A 401 -7.41 -1.94 4.28
CA ASN A 401 -6.18 -2.25 4.96
C ASN A 401 -5.76 -1.08 5.84
N VAL A 402 -4.85 -1.36 6.77
CA VAL A 402 -4.25 -0.33 7.62
C VAL A 402 -3.40 0.59 6.75
N TYR A 403 -3.02 1.74 7.29
CA TYR A 403 -2.06 2.62 6.64
C TYR A 403 -0.67 2.05 6.84
N GLU A 404 0.04 1.78 5.74
CA GLU A 404 1.38 1.25 5.84
C GLU A 404 2.29 2.25 6.55
N ASP A 405 3.38 1.74 7.12
CA ASP A 405 4.27 2.56 7.92
C ASP A 405 5.22 3.35 7.02
N THR A 406 6.14 4.08 7.66
CA THR A 406 7.02 4.98 6.92
C THR A 406 7.96 4.21 5.99
N HIS A 407 8.41 3.02 6.41
CA HIS A 407 9.39 2.29 5.60
C HIS A 407 8.81 1.85 4.27
N PHE A 408 7.51 1.54 4.21
CA PHE A 408 6.89 1.20 2.94
C PHE A 408 6.99 2.36 1.95
N PHE A 409 6.70 3.58 2.42
CA PHE A 409 6.80 4.74 1.54
C PHE A 409 8.25 5.07 1.19
N GLU A 410 9.18 4.77 2.09
CA GLU A 410 10.59 4.98 1.78
C GLU A 410 11.03 4.11 0.62
N LEU A 411 10.58 2.85 0.60
CA LEU A 411 10.93 1.98 -0.52
C LEU A 411 10.28 2.44 -1.81
N CYS A 412 9.04 2.92 -1.74
CA CYS A 412 8.42 3.48 -2.94
C CYS A 412 9.14 4.73 -3.41
N ASP A 413 9.66 5.54 -2.48
CA ASP A 413 10.49 6.68 -2.88
C ASP A 413 11.76 6.21 -3.59
N LYS A 414 12.40 5.18 -3.04
CA LYS A 414 13.68 4.73 -3.58
C LYS A 414 13.53 4.08 -4.95
N TYR A 415 12.46 3.32 -5.16
CA TYR A 415 12.28 2.57 -6.40
C TYR A 415 11.30 3.25 -7.36
N GLY A 416 10.91 4.48 -7.09
CA GLY A 416 10.07 5.24 -8.02
C GLY A 416 8.70 4.66 -8.29
N ILE A 417 8.00 4.20 -7.25
CA ILE A 417 6.66 3.66 -7.38
C ILE A 417 5.70 4.63 -6.75
N MET A 418 4.83 5.23 -7.56
CA MET A 418 3.84 6.17 -7.03
C MET A 418 2.84 5.45 -6.14
N VAL A 419 2.30 6.18 -5.18
CA VAL A 419 1.40 5.61 -4.16
C VAL A 419 0.07 6.34 -4.21
N TRP A 420 -1.00 5.59 -4.43
CA TRP A 420 -2.36 6.09 -4.36
C TRP A 420 -2.94 5.60 -3.04
N GLN A 421 -3.13 6.51 -2.10
CA GLN A 421 -3.52 6.17 -0.74
C GLN A 421 -5.01 6.38 -0.54
N ASP A 422 -5.73 5.30 -0.23
CA ASP A 422 -7.13 5.39 0.16
C ASP A 422 -7.21 5.64 1.65
N PHE A 423 -8.04 6.60 2.05
CA PHE A 423 -8.38 6.71 3.47
C PHE A 423 -9.17 5.49 3.89
N ALA A 424 -8.88 4.99 5.10
CA ALA A 424 -9.46 3.75 5.58
C ALA A 424 -10.98 3.84 5.70
N MET A 425 -11.70 3.26 4.75
CA MET A 425 -13.15 3.26 4.74
C MET A 425 -13.64 1.89 4.30
N GLY A 426 -14.86 1.55 4.75
CA GLY A 426 -15.52 0.34 4.33
C GLY A 426 -16.49 0.61 3.19
N CYS A 427 -16.80 -0.44 2.44
CA CYS A 427 -17.75 -0.35 1.31
C CYS A 427 -19.16 -0.21 1.90
N GLY A 428 -19.52 1.03 2.18
CA GLY A 428 -20.78 1.34 2.81
C GLY A 428 -20.69 2.66 3.52
N ASN A 429 -21.86 3.30 3.66
CA ASN A 429 -21.92 4.62 4.27
C ASN A 429 -21.58 4.55 5.76
N TYR A 430 -21.17 5.69 6.30
CA TYR A 430 -20.76 5.81 7.69
C TYR A 430 -21.62 6.85 8.40
N SER A 431 -21.28 7.13 9.65
CA SER A 431 -22.04 8.07 10.45
C SER A 431 -21.88 9.49 9.93
N GLN A 432 -22.89 10.32 10.24
CA GLN A 432 -22.89 11.74 9.88
C GLN A 432 -22.90 12.64 11.11
N ARG A 433 -22.63 12.09 12.28
CA ARG A 433 -22.70 12.83 13.53
C ARG A 433 -21.32 13.32 13.95
N ASP A 434 -21.30 14.13 15.02
CA ASP A 434 -20.08 14.82 15.42
C ASP A 434 -19.02 13.86 15.94
N ASN A 435 -19.43 12.82 16.64
CA ASN A 435 -18.46 11.92 17.27
C ASN A 435 -17.59 11.21 16.25
N PHE A 436 -18.20 10.65 15.20
CA PHE A 436 -17.43 9.96 14.19
C PHE A 436 -16.63 10.93 13.33
N ALA A 437 -17.14 12.13 13.12
CA ALA A 437 -16.39 13.13 12.35
C ALA A 437 -15.15 13.58 13.10
N ALA A 438 -15.25 13.75 14.42
CA ALA A 438 -14.08 14.15 15.20
C ALA A 438 -13.03 13.04 15.23
N ALA A 439 -13.47 11.78 15.23
CA ALA A 439 -12.51 10.67 15.18
C ALA A 439 -11.83 10.56 13.83
N LEU A 440 -12.55 10.86 12.75
CA LEU A 440 -11.94 10.78 11.43
C LEU A 440 -11.05 11.98 11.14
N GLU A 441 -11.43 13.16 11.63
CA GLU A 441 -10.55 14.33 11.47
C GLU A 441 -9.22 14.11 12.18
N LYS A 442 -9.27 13.58 13.41
CA LYS A 442 -8.05 13.27 14.14
C LYS A 442 -7.20 12.27 13.39
N GLU A 443 -7.83 11.25 12.81
CA GLU A 443 -7.08 10.25 12.05
C GLU A 443 -6.50 10.83 10.77
N ALA A 444 -7.29 11.64 10.06
CA ALA A 444 -6.82 12.22 8.81
C ALA A 444 -5.66 13.18 9.05
N ILE A 445 -5.77 14.03 10.08
CA ILE A 445 -4.69 14.98 10.37
C ILE A 445 -3.42 14.23 10.75
N SER A 446 -3.57 13.12 11.47
CA SER A 446 -2.39 12.34 11.86
C SER A 446 -1.72 11.72 10.65
N VAL A 447 -2.51 11.08 9.78
CA VAL A 447 -1.94 10.36 8.65
C VAL A 447 -1.35 11.33 7.63
N VAL A 448 -2.05 12.43 7.36
CA VAL A 448 -1.58 13.39 6.36
C VAL A 448 -0.25 13.99 6.78
N VAL A 449 -0.18 14.51 8.02
CA VAL A 449 1.06 15.13 8.48
C VAL A 449 2.21 14.13 8.47
N LYS A 450 1.92 12.85 8.69
CA LYS A 450 2.97 11.84 8.74
C LYS A 450 3.50 11.46 7.36
N LEU A 451 2.65 11.48 6.33
CA LEU A 451 3.02 10.96 5.03
C LEU A 451 3.18 12.03 3.96
N ARG A 452 2.91 13.30 4.27
CA ARG A 452 2.85 14.31 3.22
C ARG A 452 4.21 14.69 2.65
N ASN A 453 5.31 14.15 3.16
CA ASN A 453 6.64 14.50 2.69
C ASN A 453 7.25 13.45 1.77
N HIS A 454 6.54 12.37 1.48
CA HIS A 454 7.06 11.31 0.62
C HIS A 454 6.73 11.61 -0.83
N PRO A 455 7.73 11.69 -1.72
CA PRO A 455 7.42 12.00 -3.13
C PRO A 455 6.61 10.93 -3.82
N SER A 456 6.69 9.67 -3.37
CA SER A 456 5.93 8.61 -4.03
C SER A 456 4.44 8.82 -3.87
N LEU A 457 4.01 9.33 -2.72
CA LEU A 457 2.59 9.61 -2.53
C LEU A 457 2.12 10.69 -3.49
N ILE A 458 1.03 10.42 -4.21
CA ILE A 458 0.60 11.33 -5.27
C ILE A 458 -0.89 11.66 -5.18
N LEU A 459 -1.64 10.93 -4.36
CA LEU A 459 -3.08 11.12 -4.35
C LEU A 459 -3.70 10.60 -3.06
N TRP A 460 -4.56 11.42 -2.46
CA TRP A 460 -5.46 11.00 -1.39
C TRP A 460 -6.83 10.71 -1.99
N SER A 461 -7.51 9.71 -1.43
CA SER A 461 -8.77 9.28 -2.01
C SER A 461 -9.76 8.92 -0.90
N GLY A 462 -10.99 9.40 -1.05
CA GLY A 462 -12.10 8.99 -0.21
C GLY A 462 -13.14 8.25 -1.04
N ASN A 463 -14.21 7.85 -0.35
CA ASN A 463 -15.30 7.16 -1.03
C ASN A 463 -16.58 7.22 -0.20
N ASN A 484 -24.04 15.81 0.84
CA ASN A 484 -22.94 16.17 1.73
C ASN A 484 -22.53 15.06 2.70
N ASP A 485 -21.98 13.97 2.17
CA ASP A 485 -21.62 12.79 2.98
C ASP A 485 -20.48 13.15 3.90
N ARG A 486 -20.74 13.13 5.21
CA ARG A 486 -19.94 13.88 6.17
C ARG A 486 -18.46 13.51 6.11
N VAL A 487 -18.11 12.30 5.70
CA VAL A 487 -16.72 11.87 5.80
C VAL A 487 -15.92 12.42 4.64
N SER A 488 -16.36 12.13 3.41
CA SER A 488 -15.54 12.43 2.24
C SER A 488 -15.69 13.88 1.80
N ARG A 489 -16.91 14.41 1.77
CA ARG A 489 -17.18 15.75 1.23
C ARG A 489 -17.00 16.89 2.24
N GLN A 490 -16.65 16.60 3.51
CA GLN A 490 -16.28 17.66 4.46
C GLN A 490 -14.99 17.40 5.21
N VAL A 491 -15.00 16.35 6.04
CA VAL A 491 -13.95 16.18 7.03
C VAL A 491 -12.61 15.91 6.33
N LEU A 492 -12.57 14.92 5.45
CA LEU A 492 -11.33 14.58 4.78
C LEU A 492 -10.87 15.71 3.86
N SER A 493 -11.82 16.36 3.19
CA SER A 493 -11.46 17.43 2.27
C SER A 493 -10.86 18.63 3.00
N ARG A 494 -11.47 19.03 4.13
CA ARG A 494 -10.92 20.15 4.88
C ARG A 494 -9.52 19.87 5.39
N VAL A 495 -9.23 18.62 5.76
CA VAL A 495 -7.90 18.28 6.25
C VAL A 495 -6.87 18.41 5.13
N ILE A 496 -7.21 17.95 3.92
CA ILE A 496 -6.29 18.05 2.80
C ILE A 496 -6.08 19.51 2.43
N TYR A 497 -7.13 20.32 2.49
CA TYR A 497 -7.01 21.72 2.13
C TYR A 497 -6.13 22.49 3.10
N GLU A 498 -6.09 22.08 4.36
CA GLU A 498 -5.32 22.80 5.37
C GLU A 498 -3.94 22.20 5.62
N PHE A 499 -3.74 20.91 5.34
CA PHE A 499 -2.49 20.24 5.68
C PHE A 499 -1.77 19.61 4.51
N ASP A 500 -2.38 19.55 3.33
CA ASP A 500 -1.65 19.05 2.18
C ASP A 500 -2.21 19.64 0.88
N PRO A 501 -2.02 20.94 0.62
CA PRO A 501 -2.62 21.52 -0.59
C PRO A 501 -1.90 21.17 -1.88
N THR A 502 -0.78 20.46 -1.81
CA THR A 502 0.02 20.14 -2.99
C THR A 502 -0.38 18.80 -3.64
N ARG A 503 -1.25 18.02 -3.00
CA ARG A 503 -1.65 16.75 -3.58
C ARG A 503 -3.13 16.73 -3.91
N PRO A 504 -3.52 16.07 -4.99
CA PRO A 504 -4.94 15.96 -5.34
C PRO A 504 -5.69 15.07 -4.35
N TYR A 505 -6.96 15.39 -4.17
CA TYR A 505 -7.86 14.59 -3.35
C TYR A 505 -9.08 14.24 -4.19
N LEU A 506 -9.24 12.95 -4.43
CA LEU A 506 -10.35 12.49 -5.30
C LEU A 506 -11.31 11.67 -4.45
N PRO A 507 -12.50 12.17 -4.11
CA PRO A 507 -13.51 11.36 -3.40
C PRO A 507 -14.25 10.50 -4.41
N SER A 508 -13.62 9.42 -4.89
CA SER A 508 -14.32 8.51 -5.84
C SER A 508 -13.42 7.46 -6.48
N SER A 509 -13.87 6.82 -7.58
CA SER A 509 -13.09 5.81 -8.35
C SER A 509 -12.82 4.53 -7.55
N PRO A 510 -13.81 3.65 -7.30
CA PRO A 510 -13.62 2.35 -6.61
C PRO A 510 -13.86 1.19 -7.57
N GLY A 536 -16.47 -13.73 -16.80
CA GLY A 536 -16.52 -15.07 -17.39
C GLY A 536 -15.47 -15.24 -18.47
N TYR A 537 -15.63 -14.55 -19.60
CA TYR A 537 -14.58 -14.59 -20.65
C TYR A 537 -13.90 -13.24 -20.64
N TYR A 538 -12.58 -13.25 -20.50
CA TYR A 538 -11.89 -11.98 -20.39
C TYR A 538 -12.08 -11.09 -21.61
N LYS A 539 -12.58 -11.65 -22.72
CA LYS A 539 -12.88 -10.87 -23.92
C LYS A 539 -14.35 -10.48 -24.01
N ASP A 540 -15.13 -10.74 -22.96
CA ASP A 540 -16.51 -10.27 -22.91
C ASP A 540 -16.53 -8.75 -22.99
N PRO A 541 -17.55 -8.16 -23.65
CA PRO A 541 -17.65 -6.70 -23.74
C PRO A 541 -17.59 -5.99 -22.39
N PHE A 542 -17.85 -6.74 -21.31
CA PHE A 542 -17.76 -6.17 -19.97
C PHE A 542 -16.38 -5.60 -19.69
N TYR A 543 -15.33 -6.19 -20.26
CA TYR A 543 -13.97 -5.65 -20.16
C TYR A 543 -13.56 -4.88 -21.40
N THR A 544 -13.86 -5.41 -22.59
CA THR A 544 -13.39 -4.81 -23.83
C THR A 544 -14.16 -3.55 -24.23
N GLU A 545 -15.28 -3.25 -23.60
CA GLU A 545 -15.99 -2.01 -23.88
C GLU A 545 -16.19 -1.17 -22.62
N ASN A 546 -15.36 -1.40 -21.61
CA ASN A 546 -15.35 -0.55 -20.43
C ASN A 546 -14.95 0.87 -20.84
N PRO A 547 -15.72 1.89 -20.48
CA PRO A 547 -15.39 3.26 -20.89
C PRO A 547 -14.38 3.97 -20.01
N SER A 548 -13.91 3.33 -18.94
CA SER A 548 -13.06 4.01 -17.96
C SER A 548 -11.65 4.20 -18.53
N GLN A 549 -11.22 5.46 -18.61
CA GLN A 549 -9.83 5.73 -19.01
C GLN A 549 -8.84 5.09 -18.04
N PHE A 550 -9.19 5.02 -16.77
CA PHE A 550 -8.32 4.51 -15.71
C PHE A 550 -9.08 3.42 -14.97
N VAL A 551 -8.84 2.16 -15.32
CA VAL A 551 -9.46 1.06 -14.61
C VAL A 551 -8.68 0.80 -13.33
N SER A 552 -9.38 0.52 -12.24
CA SER A 552 -8.78 0.57 -10.92
C SER A 552 -8.65 -0.79 -10.25
N GLU A 553 -9.71 -1.60 -10.24
CA GLU A 553 -9.69 -2.89 -9.54
C GLU A 553 -10.17 -3.97 -10.51
N ILE A 554 -9.28 -4.42 -11.38
CA ILE A 554 -9.60 -5.44 -12.36
C ILE A 554 -8.93 -6.74 -11.91
N GLY A 555 -9.70 -7.82 -11.85
CA GLY A 555 -9.22 -9.04 -11.22
C GLY A 555 -9.71 -10.30 -11.90
N TYR A 556 -9.03 -11.40 -11.58
CA TYR A 556 -9.30 -12.71 -12.15
C TYR A 556 -8.69 -13.78 -11.26
N HIS A 557 -9.40 -14.88 -11.10
CA HIS A 557 -9.02 -15.90 -10.12
C HIS A 557 -8.01 -16.89 -10.69
N GLY A 558 -7.08 -17.29 -9.85
CA GLY A 558 -6.11 -18.30 -10.21
C GLY A 558 -5.86 -19.22 -9.03
N CYS A 559 -5.59 -20.47 -9.35
CA CYS A 559 -5.34 -21.44 -8.30
C CYS A 559 -3.87 -21.37 -7.88
N PRO A 560 -3.58 -21.24 -6.58
CA PRO A 560 -2.17 -21.13 -6.15
C PRO A 560 -1.38 -22.39 -6.49
N ASN A 561 -0.06 -22.28 -6.33
CA ASN A 561 0.84 -23.37 -6.67
C ASN A 561 0.57 -24.60 -5.79
N ARG A 562 1.00 -25.76 -6.27
CA ARG A 562 0.76 -27.00 -5.53
C ARG A 562 1.43 -26.96 -4.17
N GLU A 563 2.65 -26.40 -4.10
CA GLU A 563 3.36 -26.34 -2.82
C GLU A 563 2.60 -25.50 -1.81
N THR A 564 1.91 -24.46 -2.25
CA THR A 564 1.09 -23.66 -1.34
C THR A 564 -0.18 -24.41 -0.94
N LEU A 565 -0.72 -25.25 -1.82
CA LEU A 565 -1.92 -26.01 -1.49
C LEU A 565 -1.62 -27.07 -0.44
N GLU A 566 -0.53 -27.83 -0.64
CA GLU A 566 -0.18 -28.90 0.30
C GLU A 566 0.32 -28.37 1.64
N ARG A 567 0.58 -27.07 1.75
CA ARG A 567 1.00 -26.46 3.00
C ARG A 567 -0.15 -25.77 3.75
N MET A 568 -1.07 -25.13 3.04
CA MET A 568 -2.19 -24.47 3.69
C MET A 568 -3.28 -25.46 4.08
N PHE A 569 -3.42 -26.56 3.35
CA PHE A 569 -4.48 -27.54 3.61
C PHE A 569 -3.94 -28.75 4.39
N ASN A 586 -14.12 -29.48 -0.78
CA ASN A 586 -14.10 -29.76 0.65
C ASN A 586 -14.24 -28.50 1.48
N ASP A 587 -14.46 -28.66 2.79
CA ASP A 587 -14.70 -27.50 3.65
C ASP A 587 -13.44 -26.65 3.82
N GLU A 588 -12.27 -27.26 3.71
CA GLU A 588 -11.03 -26.50 3.88
C GLU A 588 -10.78 -25.57 2.69
N TRP A 589 -11.09 -26.03 1.48
CA TRP A 589 -10.90 -25.20 0.30
C TRP A 589 -11.87 -24.02 0.28
N GLN A 590 -13.09 -24.22 0.81
CA GLN A 590 -14.04 -23.11 0.89
C GLN A 590 -13.51 -21.98 1.77
N THR A 591 -12.71 -22.32 2.78
CA THR A 591 -12.11 -21.32 3.65
C THR A 591 -11.03 -20.53 2.93
N GLY A 604 -20.57 -17.92 -4.48
CA GLY A 604 -19.89 -18.84 -5.37
C GLY A 604 -18.56 -18.33 -5.86
N ARG A 605 -17.50 -18.62 -5.10
CA ARG A 605 -16.14 -18.21 -5.44
C ARG A 605 -15.26 -19.39 -5.83
N ASN A 606 -15.29 -20.48 -5.05
CA ASN A 606 -14.57 -21.68 -5.46
C ASN A 606 -15.14 -22.25 -6.74
N ASP A 607 -16.44 -22.05 -6.99
CA ASP A 607 -17.02 -22.42 -8.27
C ASP A 607 -16.41 -21.62 -9.41
N LEU A 608 -16.14 -20.33 -9.17
CA LEU A 608 -15.56 -19.46 -10.20
C LEU A 608 -14.30 -20.05 -10.81
N MET A 609 -13.49 -20.74 -10.00
CA MET A 609 -12.31 -21.41 -10.53
C MET A 609 -12.69 -22.44 -11.59
N THR A 610 -13.61 -23.35 -11.25
CA THR A 610 -14.01 -24.39 -12.18
C THR A 610 -14.69 -23.83 -13.43
N ASN A 611 -15.41 -22.71 -13.29
CA ASN A 611 -16.02 -22.08 -14.45
C ASN A 611 -14.97 -21.69 -15.48
N GLN A 612 -14.06 -20.80 -15.08
CA GLN A 612 -13.14 -20.17 -16.02
C GLN A 612 -12.32 -21.19 -16.79
N VAL A 613 -12.05 -22.35 -16.19
CA VAL A 613 -11.31 -23.38 -16.92
C VAL A 613 -12.19 -24.03 -17.98
N ARG A 614 -13.49 -24.12 -17.75
CA ARG A 614 -14.39 -24.73 -18.72
C ARG A 614 -14.56 -23.87 -19.97
N ILE A 615 -14.70 -22.56 -19.80
CA ILE A 615 -14.91 -21.71 -20.98
C ILE A 615 -13.64 -21.66 -21.83
N ILE A 616 -12.48 -21.66 -21.19
CA ILE A 616 -11.25 -21.51 -21.93
C ILE A 616 -10.75 -22.85 -22.46
N PHE A 617 -10.87 -23.93 -21.67
CA PHE A 617 -10.28 -25.21 -22.03
C PHE A 617 -11.31 -26.32 -22.22
N GLY A 618 -12.60 -25.99 -22.20
CA GLY A 618 -13.63 -27.01 -22.46
C GLY A 618 -14.09 -27.84 -21.29
N GLU A 619 -13.16 -28.51 -20.61
CA GLU A 619 -13.49 -29.43 -19.53
C GLU A 619 -12.60 -29.15 -18.32
N VAL A 620 -13.06 -29.61 -17.17
CA VAL A 620 -12.32 -29.46 -15.91
C VAL A 620 -11.34 -30.62 -15.80
N PRO A 621 -10.04 -30.37 -15.71
CA PRO A 621 -9.07 -31.46 -15.61
C PRO A 621 -9.24 -32.23 -14.30
N ALA A 622 -9.29 -33.55 -14.41
CA ALA A 622 -9.40 -34.38 -13.21
C ALA A 622 -8.10 -34.35 -12.41
N ASP A 623 -6.96 -34.32 -13.09
CA ASP A 623 -5.68 -34.25 -12.41
C ASP A 623 -5.51 -32.90 -11.73
N LEU A 624 -4.95 -32.92 -10.51
CA LEU A 624 -4.79 -31.68 -9.77
C LEU A 624 -3.75 -30.77 -10.41
N ASP A 625 -2.61 -31.33 -10.81
CA ASP A 625 -1.57 -30.53 -11.45
C ASP A 625 -2.07 -29.94 -12.77
N ASP A 626 -2.87 -30.71 -13.52
CA ASP A 626 -3.44 -30.19 -14.76
C ASP A 626 -4.45 -29.08 -14.50
N PHE A 627 -5.20 -29.17 -13.40
CA PHE A 627 -6.15 -28.11 -13.07
C PHE A 627 -5.43 -26.85 -12.60
N ILE A 628 -4.29 -26.99 -11.93
CA ILE A 628 -3.55 -25.83 -11.47
C ILE A 628 -2.98 -25.05 -12.65
N PHE A 629 -2.34 -25.76 -13.59
CA PHE A 629 -1.78 -25.10 -14.76
C PHE A 629 -2.87 -24.46 -15.61
N ALA A 630 -4.02 -25.13 -15.73
CA ALA A 630 -5.10 -24.56 -16.53
C ALA A 630 -5.72 -23.34 -15.85
N SER A 631 -5.92 -23.41 -14.53
CA SER A 631 -6.50 -22.28 -13.82
C SER A 631 -5.54 -21.10 -13.78
N GLN A 632 -4.24 -21.37 -13.68
CA GLN A 632 -3.26 -20.29 -13.69
C GLN A 632 -3.08 -19.70 -15.06
N SER A 633 -3.19 -20.51 -16.12
CA SER A 633 -3.09 -19.99 -17.47
C SER A 633 -4.28 -19.11 -17.82
N VAL A 634 -5.47 -19.43 -17.32
CA VAL A 634 -6.62 -18.57 -17.52
C VAL A 634 -6.38 -17.21 -16.88
N GLN A 635 -5.93 -17.21 -15.63
CA GLN A 635 -5.60 -15.96 -14.96
C GLN A 635 -4.47 -15.23 -15.67
N ALA A 636 -3.53 -15.96 -16.25
CA ALA A 636 -2.37 -15.33 -16.88
C ALA A 636 -2.76 -14.61 -18.16
N GLU A 637 -3.52 -15.28 -19.04
CA GLU A 637 -3.93 -14.66 -20.28
C GLU A 637 -4.90 -13.51 -20.04
N ALA A 638 -5.81 -13.66 -19.07
CA ALA A 638 -6.81 -12.64 -18.80
C ALA A 638 -6.16 -11.35 -18.32
N MET A 639 -5.22 -11.45 -17.40
CA MET A 639 -4.52 -10.26 -16.91
C MET A 639 -3.68 -9.63 -18.01
N LYS A 640 -2.96 -10.46 -18.76
CA LYS A 640 -2.16 -9.95 -19.86
C LYS A 640 -3.03 -9.22 -20.87
N PHE A 641 -4.22 -9.76 -21.14
CA PHE A 641 -5.13 -9.13 -22.10
C PHE A 641 -5.60 -7.78 -21.60
N PHE A 642 -5.89 -7.67 -20.30
CA PHE A 642 -6.41 -6.42 -19.76
C PHE A 642 -5.41 -5.28 -19.92
N VAL A 643 -4.16 -5.51 -19.51
CA VAL A 643 -3.16 -4.45 -19.56
C VAL A 643 -2.81 -4.11 -21.00
N GLU A 644 -2.68 -5.13 -21.86
CA GLU A 644 -2.42 -4.87 -23.27
C GLU A 644 -3.55 -4.09 -23.91
N LEU A 645 -4.79 -4.31 -23.45
CA LEU A 645 -5.93 -3.56 -23.98
C LEU A 645 -5.79 -2.08 -23.66
N TRP A 646 -5.56 -1.76 -22.39
CA TRP A 646 -5.44 -0.36 -21.98
C TRP A 646 -4.18 0.28 -22.57
N ARG A 647 -3.06 -0.44 -22.55
CA ARG A 647 -1.83 0.10 -23.16
C ARG A 647 -2.01 0.36 -24.65
N GLY A 648 -2.79 -0.47 -25.33
CA GLY A 648 -2.96 -0.33 -26.76
C GLY A 648 -4.03 0.66 -27.18
N ARG A 649 -4.78 1.22 -26.23
CA ARG A 649 -5.83 2.19 -26.54
C ARG A 649 -5.47 3.60 -26.06
N ARG A 650 -4.20 3.83 -25.77
CA ARG A 650 -3.75 5.18 -25.47
C ARG A 650 -3.91 6.07 -26.70
N PRO A 651 -4.00 7.39 -26.51
CA PRO A 651 -3.90 8.15 -25.27
C PRO A 651 -5.24 8.29 -24.53
N TYR A 652 -6.32 7.65 -25.00
CA TYR A 652 -7.57 7.73 -24.25
C TYR A 652 -7.45 7.02 -22.91
N ARG A 653 -6.98 5.77 -22.93
CA ARG A 653 -6.70 5.08 -21.68
C ARG A 653 -5.49 5.69 -21.01
N THR A 654 -5.59 5.89 -19.70
CA THR A 654 -4.60 6.62 -18.93
C THR A 654 -3.96 5.82 -17.81
N GLY A 655 -4.52 4.68 -17.45
CA GLY A 655 -3.94 3.89 -16.37
C GLY A 655 -4.71 2.61 -16.16
N ILE A 656 -4.04 1.67 -15.49
CA ILE A 656 -4.64 0.39 -15.16
C ILE A 656 -3.99 -0.16 -13.89
N ILE A 657 -4.77 -0.26 -12.83
CA ILE A 657 -4.35 -0.92 -11.59
C ILE A 657 -5.10 -2.23 -11.48
N TRP A 658 -4.40 -3.30 -11.14
CA TRP A 658 -5.00 -4.62 -11.13
C TRP A 658 -4.94 -5.25 -9.74
N TRP A 659 -5.88 -6.15 -9.50
CA TRP A 659 -6.07 -6.80 -8.21
C TRP A 659 -5.76 -8.29 -8.38
N ASN A 660 -4.69 -8.76 -7.74
CA ASN A 660 -3.73 -7.95 -6.98
C ASN A 660 -2.40 -8.68 -7.10
N ILE A 661 -1.37 -8.22 -6.40
CA ILE A 661 -0.03 -8.74 -6.65
C ILE A 661 0.37 -9.80 -5.62
N ARG A 662 -0.14 -9.69 -4.39
CA ARG A 662 0.31 -10.58 -3.33
C ARG A 662 -0.78 -10.82 -2.32
N ASP A 663 -0.91 -12.08 -1.90
CA ASP A 663 -1.84 -12.45 -0.86
C ASP A 663 -1.28 -12.14 0.52
N GLY A 664 -2.17 -11.76 1.44
CA GLY A 664 -1.83 -11.55 2.83
C GLY A 664 -2.12 -12.72 3.73
N TRP A 665 -2.48 -13.88 3.19
CA TRP A 665 -2.85 -15.06 3.95
C TRP A 665 -2.89 -16.21 2.96
N PRO A 666 -2.50 -17.42 3.35
CA PRO A 666 -2.55 -18.54 2.39
C PRO A 666 -3.96 -18.87 1.95
N LEU A 667 -4.39 -18.30 0.82
CA LEU A 667 -5.77 -18.36 0.37
C LEU A 667 -5.83 -18.59 -1.13
N LEU A 668 -7.00 -19.02 -1.59
CA LEU A 668 -7.31 -19.15 -3.01
C LEU A 668 -8.01 -17.87 -3.45
N SER A 669 -7.32 -17.03 -4.21
CA SER A 669 -7.84 -15.70 -4.53
C SER A 669 -7.33 -15.28 -5.91
N ASP A 670 -7.49 -13.99 -6.20
CA ASP A 670 -7.14 -13.40 -7.49
C ASP A 670 -5.69 -12.91 -7.55
N ALA A 671 -4.92 -13.08 -6.48
CA ALA A 671 -3.55 -12.60 -6.44
C ALA A 671 -2.66 -13.42 -7.37
N ILE A 672 -1.65 -12.75 -7.94
CA ILE A 672 -0.71 -13.42 -8.82
C ILE A 672 0.51 -13.94 -8.07
N SER A 673 0.55 -13.79 -6.75
CA SER A 673 1.62 -14.31 -5.92
C SER A 673 1.02 -14.65 -4.55
N ASP A 674 1.35 -15.82 -4.02
CA ASP A 674 0.72 -16.26 -2.79
C ASP A 674 1.47 -15.72 -1.58
N TYR A 675 0.99 -16.10 -0.39
CA TYR A 675 1.49 -15.54 0.85
C TYR A 675 2.94 -15.92 1.12
N TRP A 676 3.36 -17.11 0.68
CA TRP A 676 4.70 -17.59 0.92
C TRP A 676 5.66 -17.26 -0.22
N GLY A 677 5.32 -16.30 -1.07
CA GLY A 677 6.22 -15.85 -2.11
C GLY A 677 6.17 -16.63 -3.41
N GLY A 678 5.24 -17.58 -3.55
CA GLY A 678 5.13 -18.34 -4.77
C GLY A 678 4.53 -17.56 -5.92
N LYS A 679 5.32 -17.35 -6.97
CA LYS A 679 4.85 -16.61 -8.13
C LYS A 679 4.00 -17.52 -9.01
N LYS A 680 2.74 -17.14 -9.21
CA LYS A 680 1.84 -17.91 -10.05
C LYS A 680 2.09 -17.58 -11.52
N GLN A 681 1.48 -18.38 -12.40
CA GLN A 681 1.75 -18.25 -13.83
C GLN A 681 1.43 -16.86 -14.34
N ALA A 682 0.45 -16.18 -13.74
CA ALA A 682 0.10 -14.84 -14.19
C ALA A 682 1.23 -13.85 -13.97
N PHE A 683 2.04 -14.04 -12.92
CA PHE A 683 3.07 -13.06 -12.60
C PHE A 683 4.03 -12.86 -13.77
N TYR A 684 4.40 -13.96 -14.44
CA TYR A 684 5.36 -13.84 -15.53
C TYR A 684 4.74 -13.28 -16.80
N TYR A 685 3.48 -13.62 -17.08
CA TYR A 685 2.79 -13.05 -18.23
C TYR A 685 2.71 -11.53 -18.13
N MET A 686 2.35 -11.03 -16.95
CA MET A 686 2.24 -9.59 -16.77
C MET A 686 3.58 -8.89 -16.84
N GLN A 687 4.64 -9.57 -16.40
CA GLN A 687 5.95 -8.94 -16.38
C GLN A 687 6.43 -8.58 -17.78
N ASN A 688 6.18 -9.46 -18.75
CA ASN A 688 6.56 -9.19 -20.14
C ASN A 688 5.66 -8.15 -20.80
N VAL A 689 4.58 -7.74 -20.14
CA VAL A 689 3.70 -6.70 -20.66
C VAL A 689 3.90 -5.36 -19.95
N HIS A 690 4.39 -5.36 -18.72
CA HIS A 690 4.68 -4.12 -18.00
C HIS A 690 6.02 -3.50 -18.38
N HIS A 691 6.67 -3.96 -19.46
CA HIS A 691 7.94 -3.39 -19.87
C HIS A 691 7.80 -1.91 -20.22
N ASP A 692 8.92 -1.19 -20.14
CA ASP A 692 8.91 0.23 -20.50
C ASP A 692 8.51 0.42 -21.95
N VAL A 693 9.00 -0.44 -22.83
CA VAL A 693 8.60 -0.48 -24.23
C VAL A 693 8.15 -1.89 -24.54
N CYS A 694 6.87 -2.05 -24.89
CA CYS A 694 6.27 -3.37 -25.04
C CYS A 694 5.57 -3.48 -26.38
N CYS A 695 5.90 -4.50 -27.15
CA CYS A 695 5.19 -4.82 -28.37
C CYS A 695 4.06 -5.81 -28.05
N LEU A 696 2.85 -5.46 -28.45
CA LEU A 696 1.69 -6.26 -28.12
C LEU A 696 0.71 -6.28 -29.30
N ILE A 697 -0.27 -7.16 -29.22
CA ILE A 697 -1.31 -7.30 -30.23
C ILE A 697 -2.66 -7.05 -29.57
N ASN A 698 -3.49 -6.25 -30.22
CA ASN A 698 -4.88 -6.07 -29.82
C ASN A 698 -5.81 -6.56 -30.92
N PRO A 699 -6.97 -7.10 -30.56
CA PRO A 699 -7.92 -7.55 -31.58
C PRO A 699 -8.43 -6.36 -32.39
N ALA A 700 -8.52 -6.56 -33.70
CA ALA A 700 -9.05 -5.57 -34.61
C ALA A 700 -10.35 -6.07 -35.24
N ALA A 701 -11.00 -5.18 -35.99
CA ALA A 701 -12.29 -5.52 -36.57
C ALA A 701 -12.15 -6.64 -37.60
N ASN A 702 -11.13 -6.56 -38.45
CA ASN A 702 -10.92 -7.53 -39.52
C ASN A 702 -9.52 -8.12 -39.47
N GLY A 703 -8.91 -8.13 -38.29
CA GLY A 703 -7.57 -8.65 -38.16
C GLY A 703 -7.01 -8.49 -36.76
N TYR A 704 -5.68 -8.41 -36.66
CA TYR A 704 -5.00 -8.17 -35.40
C TYR A 704 -4.12 -6.93 -35.56
N MET A 705 -4.12 -6.07 -34.54
CA MET A 705 -3.36 -4.82 -34.57
C MET A 705 -2.07 -5.00 -33.79
N LEU A 706 -0.93 -4.88 -34.46
CA LEU A 706 0.39 -4.99 -33.83
C LEU A 706 0.80 -3.60 -33.40
N LYS A 707 0.93 -3.39 -32.09
CA LYS A 707 1.23 -2.08 -31.52
C LYS A 707 2.55 -2.13 -30.75
N VAL A 708 3.03 -0.95 -30.37
CA VAL A 708 4.18 -0.79 -29.48
C VAL A 708 3.88 0.37 -28.55
N ASP A 709 3.93 0.13 -27.24
CA ASP A 709 3.63 1.17 -26.28
C ASP A 709 4.91 1.66 -25.60
N ASN A 710 4.95 2.94 -25.31
CA ASN A 710 6.13 3.60 -24.73
C ASN A 710 5.67 4.35 -23.49
N ASN A 711 6.14 3.92 -22.32
CA ASN A 711 5.85 4.57 -21.06
C ASN A 711 7.05 5.33 -20.53
N THR A 712 7.92 5.80 -21.42
CA THR A 712 9.10 6.57 -21.08
C THR A 712 9.03 7.92 -21.79
N LEU A 713 10.09 8.70 -21.65
CA LEU A 713 10.20 10.02 -22.26
C LEU A 713 11.24 10.06 -23.38
N LYS A 714 11.64 8.89 -23.88
CA LYS A 714 12.65 8.80 -24.92
C LYS A 714 12.12 7.98 -26.09
N ASP A 715 12.61 8.29 -27.29
CA ASP A 715 12.26 7.53 -28.48
C ASP A 715 13.16 6.31 -28.61
N PHE A 716 12.62 5.23 -29.16
CA PHE A 716 13.33 3.98 -29.32
C PHE A 716 13.11 3.41 -30.71
N GLU A 717 14.15 2.78 -31.25
CA GLU A 717 14.09 2.11 -32.54
C GLU A 717 14.43 0.63 -32.37
N GLY A 718 13.72 -0.21 -33.12
CA GLY A 718 14.04 -1.63 -33.11
C GLY A 718 13.31 -2.35 -34.21
N VAL A 719 13.43 -3.68 -34.18
CA VAL A 719 12.73 -4.56 -35.11
C VAL A 719 11.81 -5.47 -34.31
N VAL A 720 10.76 -5.95 -34.97
CA VAL A 720 9.79 -6.84 -34.36
C VAL A 720 9.45 -7.94 -35.36
N GLU A 721 9.33 -9.16 -34.85
CA GLU A 721 9.05 -10.34 -35.67
C GLU A 721 7.90 -11.11 -35.05
N VAL A 722 6.85 -11.32 -35.83
CA VAL A 722 5.67 -12.08 -35.42
C VAL A 722 5.68 -13.40 -36.17
N LYS A 723 5.48 -14.50 -35.44
CA LYS A 723 5.57 -15.82 -36.05
C LYS A 723 4.59 -16.75 -35.36
N ASP A 724 3.82 -17.50 -36.15
CA ASP A 724 2.92 -18.49 -35.59
C ASP A 724 3.70 -19.60 -34.90
N VAL A 725 3.25 -19.99 -33.71
CA VAL A 725 3.97 -20.98 -32.92
C VAL A 725 3.92 -22.35 -33.59
N ALA A 726 2.70 -22.83 -33.87
CA ALA A 726 2.52 -24.23 -34.25
C ALA A 726 3.26 -24.57 -35.53
N SER A 727 3.11 -23.72 -36.55
CA SER A 727 3.73 -24.00 -37.84
C SER A 727 5.08 -23.31 -38.05
N GLY A 728 5.34 -22.21 -37.35
CA GLY A 728 6.58 -21.49 -37.49
C GLY A 728 6.59 -20.47 -38.61
N LYS A 729 5.48 -20.25 -39.29
CA LYS A 729 5.43 -19.28 -40.37
C LYS A 729 5.57 -17.86 -39.83
N GLN A 730 6.24 -17.01 -40.61
CA GLN A 730 6.41 -15.62 -40.23
C GLN A 730 5.19 -14.81 -40.66
N VAL A 731 4.52 -14.20 -39.70
CA VAL A 731 3.35 -13.36 -39.99
C VAL A 731 3.77 -11.93 -40.30
N PHE A 732 4.79 -11.42 -39.64
CA PHE A 732 5.23 -10.04 -39.85
C PHE A 732 6.67 -9.90 -39.37
N LYS A 733 7.41 -9.02 -40.03
CA LYS A 733 8.77 -8.67 -39.59
C LYS A 733 9.16 -7.35 -40.22
N GLY A 734 9.53 -6.39 -39.39
CA GLY A 734 9.93 -5.09 -39.89
C GLY A 734 10.34 -4.19 -38.74
N LYS A 735 10.94 -3.07 -39.11
CA LYS A 735 11.39 -2.09 -38.12
C LYS A 735 10.23 -1.23 -37.66
N PHE A 736 10.39 -0.63 -36.49
CA PHE A 736 9.37 0.25 -35.92
C PHE A 736 10.05 1.36 -35.13
N VAL A 737 9.35 2.49 -35.03
CA VAL A 737 9.81 3.64 -34.25
C VAL A 737 8.81 3.87 -33.13
N SER A 738 9.27 3.71 -31.89
CA SER A 738 8.43 3.88 -30.71
C SER A 738 8.59 5.31 -30.21
N LYS A 739 7.68 6.19 -30.62
CA LYS A 739 7.69 7.56 -30.15
C LYS A 739 7.46 7.59 -28.64
N ALA A 740 8.06 8.58 -27.99
CA ALA A 740 8.08 8.62 -26.52
C ALA A 740 6.70 8.92 -25.97
N ASN A 741 6.34 8.20 -24.90
CA ASN A 741 5.16 8.48 -24.08
C ASN A 741 3.88 8.47 -24.92
N GLN A 742 3.75 7.44 -25.75
CA GLN A 742 2.56 7.30 -26.58
C GLN A 742 2.50 5.88 -27.14
N MET A 743 1.31 5.51 -27.59
CA MET A 743 1.12 4.26 -28.31
C MET A 743 1.38 4.48 -29.79
N SER A 744 2.03 3.51 -30.43
CA SER A 744 2.34 3.58 -31.85
C SER A 744 1.89 2.29 -32.53
N GLU A 745 1.08 2.43 -33.58
CA GLU A 745 0.64 1.29 -34.37
C GLU A 745 1.69 0.94 -35.40
N ILE A 746 1.97 -0.37 -35.52
CA ILE A 746 3.05 -0.84 -36.38
C ILE A 746 2.48 -1.40 -37.67
N ALA A 747 1.59 -2.39 -37.55
CA ALA A 747 0.96 -2.98 -38.73
C ALA A 747 -0.29 -3.73 -38.32
N THR A 748 -1.17 -3.93 -39.30
CA THR A 748 -2.38 -4.72 -39.12
C THR A 748 -2.15 -6.10 -39.75
N LEU A 749 -2.07 -7.12 -38.91
CA LEU A 749 -1.77 -8.48 -39.35
C LEU A 749 -3.05 -9.16 -39.86
N PRO A 750 -2.93 -9.99 -40.90
CA PRO A 750 -4.11 -10.71 -41.37
C PRO A 750 -4.57 -11.75 -40.36
N MET A 751 -5.85 -12.10 -40.46
CA MET A 751 -6.42 -13.05 -39.48
C MET A 751 -5.86 -14.45 -39.76
N GLN A 752 -5.36 -15.10 -38.71
CA GLN A 752 -4.84 -16.45 -38.82
C GLN A 752 -5.99 -17.46 -38.81
N LYS A 753 -5.66 -18.70 -39.16
CA LYS A 753 -6.66 -19.76 -39.32
C LYS A 753 -6.83 -20.54 -38.02
N GLY A 754 -8.08 -20.76 -37.64
CA GLY A 754 -8.42 -21.55 -36.46
C GLY A 754 -7.78 -21.00 -35.20
N GLN A 755 -7.43 -21.91 -34.30
CA GLN A 755 -6.77 -21.57 -33.04
C GLN A 755 -5.25 -21.63 -33.21
N GLY A 756 -4.56 -21.08 -32.22
CA GLY A 756 -3.11 -21.07 -32.24
C GLY A 756 -2.57 -19.92 -31.40
N MET A 757 -1.25 -19.75 -31.47
CA MET A 757 -0.53 -18.72 -30.75
C MET A 757 0.49 -18.06 -31.67
N LEU A 758 0.73 -16.78 -31.43
CA LEU A 758 1.76 -16.03 -32.13
C LEU A 758 2.88 -15.66 -31.16
N VAL A 759 4.11 -15.64 -31.65
CA VAL A 759 5.27 -15.18 -30.89
C VAL A 759 5.55 -13.74 -31.27
N ILE A 760 5.99 -12.95 -30.30
CA ILE A 760 6.35 -11.56 -30.50
C ILE A 760 7.81 -11.42 -30.10
N SER A 761 8.70 -11.39 -31.09
CA SER A 761 10.14 -11.31 -30.87
C SER A 761 10.60 -9.93 -31.33
N TYR A 762 10.92 -9.05 -30.39
CA TYR A 762 11.38 -7.71 -30.72
C TYR A 762 12.65 -7.39 -29.95
N ARG A 763 13.56 -6.67 -30.61
CA ARG A 763 14.86 -6.33 -30.05
C ARG A 763 15.02 -4.82 -30.00
N ILE A 764 15.46 -4.31 -28.85
CA ILE A 764 15.64 -2.89 -28.61
C ILE A 764 17.04 -2.67 -28.07
N GLU A 765 17.86 -1.92 -28.81
CA GLU A 765 19.21 -1.57 -28.39
C GLU A 765 20.02 -2.80 -27.98
N GLY A 766 19.95 -3.85 -28.78
CA GLY A 766 20.68 -5.06 -28.52
C GLY A 766 20.11 -5.95 -27.43
N ASN A 767 18.94 -5.61 -26.88
CA ASN A 767 18.30 -6.41 -25.85
C ASN A 767 17.11 -7.14 -26.45
N GLU A 768 16.98 -8.43 -26.13
CA GLU A 768 15.90 -9.25 -26.65
C GLU A 768 14.72 -9.25 -25.69
N TYR A 769 13.54 -8.95 -26.22
CA TYR A 769 12.31 -8.99 -25.46
C TYR A 769 11.31 -9.89 -26.16
N PHE A 770 10.39 -10.46 -25.39
CA PHE A 770 9.50 -11.50 -25.90
C PHE A 770 8.09 -11.30 -25.39
N ASN A 771 7.12 -11.72 -26.20
CA ASN A 771 5.70 -11.65 -25.87
C ASN A 771 4.98 -12.67 -26.76
N HIS A 772 3.66 -12.74 -26.61
CA HIS A 772 2.87 -13.70 -27.37
C HIS A 772 1.44 -13.18 -27.48
N TYR A 773 0.67 -13.82 -28.35
CA TYR A 773 -0.75 -13.52 -28.52
C TYR A 773 -1.51 -14.79 -28.84
N LEU A 774 -2.53 -15.07 -28.04
CA LEU A 774 -3.39 -16.24 -28.25
C LEU A 774 -4.53 -15.82 -29.18
N TYR A 775 -4.54 -16.36 -30.39
CA TYR A 775 -5.62 -16.12 -31.32
C TYR A 775 -6.54 -17.33 -31.39
N GLY A 776 -7.71 -17.12 -31.99
CA GLY A 776 -8.71 -18.15 -32.06
C GLY A 776 -9.86 -17.91 -31.11
N GLU A 777 -10.65 -18.96 -30.91
CA GLU A 777 -11.85 -18.90 -30.09
C GLU A 777 -11.88 -20.09 -29.13
N PRO A 778 -12.17 -19.87 -27.86
CA PRO A 778 -12.30 -20.98 -26.92
C PRO A 778 -13.52 -21.82 -27.26
N PRO A 779 -13.58 -23.08 -26.80
CA PRO A 779 -12.63 -23.80 -25.93
C PRO A 779 -11.39 -24.28 -26.67
N TYR A 780 -10.25 -24.30 -25.99
CA TYR A 780 -8.99 -24.82 -26.52
C TYR A 780 -8.66 -26.14 -25.86
N LYS A 781 -7.82 -26.92 -26.53
CA LYS A 781 -7.31 -28.15 -25.94
C LYS A 781 -6.15 -27.82 -25.00
N LEU A 782 -6.24 -28.29 -23.76
CA LEU A 782 -5.24 -27.93 -22.76
C LEU A 782 -3.86 -28.45 -23.15
N ASP A 783 -3.80 -29.63 -23.77
CA ASP A 783 -2.51 -30.16 -24.20
C ASP A 783 -1.94 -29.34 -25.37
N GLN A 784 -2.81 -28.82 -26.23
CA GLN A 784 -2.34 -27.97 -27.32
C GLN A 784 -1.82 -26.64 -26.79
N TYR A 785 -2.51 -26.06 -25.80
CA TYR A 785 -2.03 -24.81 -25.22
C TYR A 785 -0.72 -25.02 -24.47
N ARG A 786 -0.55 -26.20 -23.87
CA ARG A 786 0.70 -26.50 -23.18
C ARG A 786 1.87 -26.56 -24.15
N LYS A 787 1.68 -27.21 -25.31
CA LYS A 787 2.75 -27.28 -26.31
C LYS A 787 3.03 -25.92 -26.91
N TRP A 788 2.01 -25.05 -27.04
CA TRP A 788 2.24 -23.71 -27.55
C TRP A 788 3.16 -22.92 -26.63
N VAL A 789 2.93 -23.01 -25.32
CA VAL A 789 3.78 -22.30 -24.36
C VAL A 789 5.19 -22.89 -24.36
N LYS A 790 5.30 -24.20 -24.43
CA LYS A 790 6.63 -24.83 -24.40
C LYS A 790 7.44 -24.48 -25.64
N LYS A 791 6.84 -24.63 -26.83
CA LYS A 791 7.58 -24.31 -28.05
C LYS A 791 7.82 -22.82 -28.19
N CYS A 792 6.99 -21.98 -27.56
CA CYS A 792 7.23 -20.55 -27.59
C CYS A 792 8.55 -20.20 -26.91
N GLY A 793 8.95 -20.96 -25.90
CA GLY A 793 10.22 -20.74 -25.25
C GLY A 793 10.29 -19.52 -24.37
N ILE A 794 9.16 -19.01 -23.91
CA ILE A 794 9.12 -17.86 -23.01
C ILE A 794 8.90 -18.29 -21.57
N TYR A 795 7.83 -19.05 -21.32
CA TYR A 795 7.42 -19.41 -19.98
C TYR A 795 7.67 -20.90 -19.72
N GLU A 796 7.98 -21.23 -18.47
CA GLU A 796 8.24 -22.60 -18.08
C GLU A 796 6.95 -23.40 -17.96
#